data_9J0F
#
_entry.id   9J0F
#
_cell.length_a   1.00
_cell.length_b   1.00
_cell.length_c   1.00
_cell.angle_alpha   90.00
_cell.angle_beta   90.00
_cell.angle_gamma   90.00
#
_symmetry.space_group_name_H-M   'P 1'
#
loop_
_entity.id
_entity.type
_entity.pdbx_description
1 polymer 'Guanine nucleotide-binding protein G(i) subunit alpha-1'
2 polymer 'Guanine nucleotide-binding protein G(I)/G(S)/G(T) subunit beta-1'
3 polymer 'Guanine nucleotide-binding protein G(I)/G(S)/G(O) subunit gamma-2'
4 polymer 'Soluble cytochrome b562,P2Y purinoceptor 14'
5 non-polymer '1,4-DIHYDRONICOTINAMIDE ADENINE DINUCLEOTIDE'
#
loop_
_entity_poly.entity_id
_entity_poly.type
_entity_poly.pdbx_seq_one_letter_code
_entity_poly.pdbx_strand_id
1 'polypeptide(L)'
;MGCTLSAEDKAAVERSKMIDRNLREDGEKAAREVKLLLLGAGESGKSTIVKQMKIIHEAGYSEEECKQYKAVVYSNTIQS
IIAIIRAMGRLKIDFGDSARADDARQLFVLAGAAEEGFMTAELAGVIKRLWKDSGVQACFNRSREYQLNDSAAYYLNDLD
RIAQPNYIPTQQDVLRTRVKTTGIVETHFTFKDLHFKMFDVGGQRSERKKWIHCFEGVTAIIFCVALSDYDLVLAEDEEM
NRMHESMKLFDSICNNKWFTDTSIILFLNKKDLFEEKIKKSPLTICYPEYAGSNTYEEAAAYIQCQFEDLNKRKDTKEIY
THFTCATDTKNVQFVFDAVTDVIIKNNLKDCGLF
;
A
2 'polypeptide(L)'
;MHHHHHHGSLLQSELDQLRQEAEQLKNQIRDARKACADATLSQITNNIDPVGRIQMRTRRTLRGHLAKIYAMHWGTDSRL
LVSASQDGKLIIWDSYTTNKVHAIPLRSSWVMTCAYAPSGNYVACGGLDNICSIYNLKTREGNVRVSRELAGHTGYLSCC
RFLDDNQIVTSSGDTTCALWDIETGQQTTTFTGHTGDVMSLSLAPDTRLFVSGACDASAKLWDVREGMCRQTFTGHESDI
NAICFFPNGNAFATGSDDATCRLFDLRADQELMTYSHDNIICGITSVSFSKSGRLLLAGYDDFNCNVWDALKADRAGVLA
GHDNRVSCLGVTDDGMAVATGSWDSFLKIWNGSSGGGGSGGGGSSGVSGWRLFKKIS
;
B
3 'polypeptide(L)' MASNNTASIAQARKLVEQLKMEANIDRIKVSKAAADLMAYCEAHAKEDPLLTPVPASENPFREKKFFCAIL G
4 'polypeptide(L)'
;MKTIIALSYIFCLVFADYKDDDDAGRAHHHHHHHHHHENLYFQSGAPADLEDNWETLNDNLKVIEKADNAAQVKDALTKM
RAAALDAQKATPPKLEDKSPDSPEMKDFRHGFDILVGQIDDALKLANEGKVKEAQAAAEQLKTTRNAYIQKYLEFLEVLF
QGPAINSTSTQPPDESCSQNLLITQQIIPVLYCMVFIAGILLNGVSGWIFFYVPSSKSFIIYLKNIVIADFVMSLTFPFK
ILGDSGLGPWQLNVFVCRVSAVLFYVNMYVSIVFFGLISFDRYYKIVKPLWTSFIQSVSYSKLLSVIVWMLMLLLAVPNI
ILTNQSVREVTQIKCIELKSELGRKWHKASNYIFVAIFWIVFLLLIVFYTAITKKIFKSHLKSSRNSTSVKKKSSRNIFS
IVFVFFVCFVPYHIARIPYTKSQTEAHYSCQSKEILRYMKEFTLLLSAANVCLDPIIYFFLCQPFREILCKKLHIPLKAQ
NDLDISRIKRGNTTLESTDTL
;
R
#
loop_
_chem_comp.id
_chem_comp.type
_chem_comp.name
_chem_comp.formula
NAI non-polymer '1,4-DIHYDRONICOTINAMIDE ADENINE DINUCLEOTIDE' 'C21 H29 N7 O14 P2'
#
# COMPACT_ATOMS: atom_id res chain seq x y z
N LEU A 5 33.90 -1.30 -10.60
CA LEU A 5 33.08 -2.29 -11.28
C LEU A 5 33.66 -2.65 -12.65
N SER A 6 33.50 -3.91 -13.04
CA SER A 6 33.95 -4.34 -14.35
C SER A 6 33.08 -3.71 -15.44
N ALA A 7 33.50 -3.88 -16.69
CA ALA A 7 32.74 -3.34 -17.81
C ALA A 7 31.35 -3.96 -17.88
N GLU A 8 31.26 -5.27 -17.69
CA GLU A 8 29.95 -5.93 -17.68
C GLU A 8 29.09 -5.43 -16.51
N ASP A 9 29.69 -5.32 -15.33
CA ASP A 9 28.93 -4.82 -14.17
C ASP A 9 28.51 -3.37 -14.38
N LYS A 10 29.39 -2.55 -14.94
CA LYS A 10 29.03 -1.16 -15.22
C LYS A 10 27.88 -1.08 -16.22
N ALA A 11 27.93 -1.91 -17.27
CA ALA A 11 26.85 -1.94 -18.25
C ALA A 11 25.54 -2.40 -17.62
N ALA A 12 25.62 -3.39 -16.72
CA ALA A 12 24.41 -3.87 -16.05
C ALA A 12 23.82 -2.78 -15.15
N VAL A 13 24.66 -2.04 -14.44
CA VAL A 13 24.16 -0.96 -13.60
C VAL A 13 23.56 0.16 -14.46
N GLU A 14 24.19 0.46 -15.59
CA GLU A 14 23.64 1.46 -16.50
C GLU A 14 22.28 1.02 -17.04
N ARG A 15 22.16 -0.26 -17.41
CA ARG A 15 20.88 -0.77 -17.88
C ARG A 15 19.82 -0.71 -16.80
N SER A 16 20.20 -1.03 -15.56
CA SER A 16 19.26 -0.93 -14.45
C SER A 16 18.82 0.51 -14.24
N LYS A 17 19.73 1.47 -14.38
CA LYS A 17 19.37 2.87 -14.24
C LYS A 17 18.44 3.32 -15.36
N MET A 18 18.69 2.86 -16.59
CA MET A 18 17.78 3.17 -17.68
C MET A 18 16.39 2.61 -17.43
N ILE A 19 16.32 1.37 -16.92
CA ILE A 19 15.05 0.77 -16.57
C ILE A 19 14.37 1.56 -15.46
N ASP A 20 15.14 2.02 -14.47
CA ASP A 20 14.59 2.85 -13.41
C ASP A 20 14.00 4.14 -13.96
N ARG A 21 14.70 4.79 -14.88
CA ARG A 21 14.19 6.03 -15.47
C ARG A 21 12.91 5.76 -16.25
N ASN A 22 12.88 4.68 -17.02
CA ASN A 22 11.67 4.33 -17.77
C ASN A 22 10.51 4.03 -16.84
N LEU A 23 10.77 3.31 -15.75
CA LEU A 23 9.73 3.00 -14.78
C LEU A 23 9.20 4.26 -14.10
N ARG A 24 10.10 5.19 -13.76
CA ARG A 24 9.67 6.44 -13.17
C ARG A 24 8.81 7.25 -14.12
N GLU A 25 9.20 7.31 -15.40
CA GLU A 25 8.40 8.02 -16.39
C GLU A 25 7.03 7.37 -16.56
N ASP A 26 7.00 6.04 -16.62
CA ASP A 26 5.73 5.33 -16.76
C ASP A 26 4.83 5.57 -15.55
N GLY A 27 5.39 5.54 -14.34
CA GLY A 27 4.58 5.79 -13.16
C GLY A 27 4.08 7.21 -13.09
N GLU A 28 4.90 8.17 -13.52
CA GLU A 28 4.45 9.56 -13.58
C GLU A 28 3.30 9.71 -14.56
N LYS A 29 3.38 9.06 -15.72
CA LYS A 29 2.29 9.11 -16.67
C LYS A 29 1.04 8.43 -16.13
N ALA A 30 1.20 7.32 -15.41
CA ALA A 30 0.04 6.56 -14.93
C ALA A 30 -0.64 7.25 -13.77
N ALA A 31 0.12 7.95 -12.92
CA ALA A 31 -0.48 8.62 -11.76
C ALA A 31 -1.43 9.73 -12.17
N ARG A 32 -1.31 10.26 -13.38
CA ARG A 32 -2.22 11.27 -13.88
C ARG A 32 -3.50 10.68 -14.46
N GLU A 33 -3.58 9.36 -14.61
CA GLU A 33 -4.76 8.72 -15.16
C GLU A 33 -5.81 8.52 -14.08
N VAL A 34 -7.07 8.61 -14.48
CA VAL A 34 -8.21 8.44 -13.60
C VAL A 34 -8.74 7.02 -13.78
N LYS A 35 -8.69 6.23 -12.72
CA LYS A 35 -9.16 4.84 -12.77
C LYS A 35 -10.62 4.77 -12.36
N LEU A 36 -11.43 4.16 -13.21
CA LEU A 36 -12.87 4.10 -13.01
C LEU A 36 -13.34 2.65 -13.09
N LEU A 37 -13.68 2.07 -11.95
CA LEU A 37 -14.22 0.71 -11.93
C LEU A 37 -15.70 0.77 -12.27
N LEU A 38 -16.11 0.06 -13.31
CA LEU A 38 -17.48 0.07 -13.79
C LEU A 38 -18.22 -1.17 -13.31
N LEU A 39 -19.34 -0.96 -12.63
CA LEU A 39 -20.10 -2.03 -12.02
C LEU A 39 -21.59 -1.82 -12.29
N GLY A 40 -22.34 -2.91 -12.19
CA GLY A 40 -23.77 -2.85 -12.42
C GLY A 40 -24.34 -4.25 -12.57
N ALA A 41 -25.62 -4.28 -12.90
CA ALA A 41 -26.33 -5.53 -13.11
C ALA A 41 -26.44 -5.83 -14.61
N GLY A 42 -27.13 -6.93 -14.94
CA GLY A 42 -27.32 -7.28 -16.33
C GLY A 42 -28.19 -6.30 -17.08
N GLU A 43 -29.25 -5.81 -16.44
CA GLU A 43 -30.14 -4.85 -17.08
C GLU A 43 -29.62 -3.42 -17.04
N SER A 44 -28.51 -3.17 -16.35
CA SER A 44 -27.96 -1.83 -16.25
C SER A 44 -27.46 -1.35 -17.62
N GLY A 45 -27.44 -0.03 -17.79
CA GLY A 45 -26.99 0.54 -19.04
C GLY A 45 -25.49 0.76 -19.10
N LYS A 46 -24.72 -0.23 -18.65
CA LYS A 46 -23.27 -0.13 -18.71
C LYS A 46 -22.78 -0.07 -20.15
N SER A 47 -23.37 -0.89 -21.03
CA SER A 47 -22.94 -0.92 -22.42
C SER A 47 -23.18 0.43 -23.12
N THR A 48 -24.34 1.05 -22.87
CA THR A 48 -24.62 2.35 -23.48
C THR A 48 -23.66 3.41 -22.97
N ILE A 49 -23.37 3.39 -21.66
CA ILE A 49 -22.44 4.35 -21.08
C ILE A 49 -21.05 4.17 -21.68
N VAL A 50 -20.59 2.92 -21.83
CA VAL A 50 -19.29 2.67 -22.41
C VAL A 50 -19.26 3.14 -23.86
N LYS A 51 -20.32 2.84 -24.62
CA LYS A 51 -20.34 3.19 -26.04
C LYS A 51 -20.34 4.71 -26.25
N GLN A 52 -20.91 5.46 -25.32
CA GLN A 52 -20.97 6.91 -25.42
C GLN A 52 -19.78 7.61 -24.79
N MET A 53 -18.82 6.87 -24.23
CA MET A 53 -17.67 7.46 -23.58
C MET A 53 -16.37 6.78 -24.02
N THR A 182 -10.65 -9.90 -22.35
CA THR A 182 -11.67 -10.93 -22.25
C THR A 182 -12.32 -10.92 -20.87
N GLY A 183 -11.51 -10.84 -19.83
CA GLY A 183 -12.01 -10.80 -18.47
C GLY A 183 -12.36 -9.40 -18.02
N ILE A 184 -11.49 -8.45 -18.34
CA ILE A 184 -11.71 -7.04 -18.06
C ILE A 184 -11.74 -6.29 -19.39
N VAL A 185 -12.71 -5.39 -19.53
CA VAL A 185 -12.79 -4.53 -20.70
C VAL A 185 -12.28 -3.15 -20.31
N GLU A 186 -11.17 -2.74 -20.92
CA GLU A 186 -10.54 -1.47 -20.61
C GLU A 186 -10.88 -0.46 -21.71
N THR A 187 -11.42 0.67 -21.30
CA THR A 187 -11.78 1.76 -22.22
C THR A 187 -11.01 3.00 -21.81
N HIS A 188 -10.14 3.49 -22.70
CA HIS A 188 -9.36 4.68 -22.44
C HIS A 188 -9.95 5.83 -23.23
N PHE A 189 -10.20 6.95 -22.55
CA PHE A 189 -10.73 8.12 -23.24
C PHE A 189 -10.24 9.39 -22.57
N THR A 190 -10.00 10.42 -23.37
CA THR A 190 -9.52 11.71 -22.90
C THR A 190 -10.66 12.70 -22.93
N PHE A 191 -10.88 13.39 -21.81
CA PHE A 191 -11.90 14.42 -21.70
C PHE A 191 -11.32 15.57 -20.90
N LYS A 192 -11.31 16.76 -21.50
CA LYS A 192 -10.86 17.99 -20.84
C LYS A 192 -9.48 17.83 -20.21
N ASP A 193 -8.55 17.28 -21.00
CA ASP A 193 -7.17 17.06 -20.61
C ASP A 193 -7.02 16.10 -19.45
N LEU A 194 -8.03 15.25 -19.21
CA LEU A 194 -7.94 14.17 -18.24
C LEU A 194 -8.08 12.84 -18.96
N HIS A 195 -7.13 11.94 -18.73
CA HIS A 195 -7.17 10.62 -19.33
C HIS A 195 -7.83 9.65 -18.34
N PHE A 196 -8.91 9.02 -18.77
CA PHE A 196 -9.66 8.07 -17.95
C PHE A 196 -9.46 6.67 -18.49
N LYS A 197 -9.18 5.74 -17.60
CA LYS A 197 -9.21 4.30 -17.89
C LYS A 197 -10.38 3.71 -17.12
N MET A 198 -11.40 3.27 -17.85
CA MET A 198 -12.59 2.66 -17.27
C MET A 198 -12.50 1.15 -17.45
N PHE A 199 -12.57 0.42 -16.35
CA PHE A 199 -12.39 -1.02 -16.33
C PHE A 199 -13.73 -1.67 -16.01
N ASP A 200 -14.30 -2.37 -16.97
CA ASP A 200 -15.53 -3.11 -16.79
C ASP A 200 -15.21 -4.55 -16.46
N VAL A 201 -15.65 -5.01 -15.29
CA VAL A 201 -15.42 -6.37 -14.83
C VAL A 201 -16.63 -7.26 -15.09
N GLY A 202 -17.57 -6.82 -15.93
CA GLY A 202 -18.69 -7.65 -16.29
C GLY A 202 -18.26 -8.85 -17.11
N GLY A 203 -18.96 -9.95 -16.92
CA GLY A 203 -18.62 -11.20 -17.58
C GLY A 203 -17.54 -12.00 -16.90
N GLN A 204 -16.98 -11.51 -15.80
CA GLN A 204 -15.99 -12.30 -15.06
C GLN A 204 -16.62 -13.56 -14.50
N ARG A 205 -17.83 -13.44 -13.93
CA ARG A 205 -18.62 -14.57 -13.42
C ARG A 205 -17.88 -15.37 -12.35
N SER A 206 -16.86 -14.78 -11.73
CA SER A 206 -16.11 -15.41 -10.67
C SER A 206 -16.46 -14.75 -9.34
N GLU A 207 -15.80 -15.22 -8.27
CA GLU A 207 -16.01 -14.63 -6.95
C GLU A 207 -15.34 -13.27 -6.90
N ARG A 208 -16.13 -12.23 -6.64
CA ARG A 208 -15.59 -10.87 -6.57
C ARG A 208 -14.58 -10.74 -5.44
N LYS A 209 -14.80 -11.44 -4.33
CA LYS A 209 -13.94 -11.30 -3.16
C LYS A 209 -12.48 -11.64 -3.45
N LYS A 210 -12.22 -12.44 -4.47
CA LYS A 210 -10.86 -12.87 -4.80
C LYS A 210 -10.13 -11.89 -5.71
N TRP A 211 -10.82 -10.95 -6.35
CA TRP A 211 -10.14 -10.01 -7.23
C TRP A 211 -10.63 -8.58 -7.10
N ILE A 212 -11.62 -8.28 -6.26
CA ILE A 212 -12.08 -6.91 -6.14
C ILE A 212 -11.02 -6.03 -5.48
N HIS A 213 -10.18 -6.61 -4.62
CA HIS A 213 -9.11 -5.85 -3.97
C HIS A 213 -8.09 -5.35 -4.97
N CYS A 214 -8.08 -5.88 -6.19
CA CYS A 214 -7.21 -5.35 -7.23
C CYS A 214 -7.59 -3.92 -7.61
N PHE A 215 -8.82 -3.51 -7.33
CA PHE A 215 -9.27 -2.15 -7.61
C PHE A 215 -9.33 -1.28 -6.37
N GLU A 216 -8.52 -1.60 -5.35
CA GLU A 216 -8.59 -0.87 -4.09
C GLU A 216 -8.25 0.61 -4.29
N GLY A 217 -7.24 0.90 -5.12
CA GLY A 217 -6.82 2.26 -5.32
C GLY A 217 -7.49 2.95 -6.49
N VAL A 218 -8.63 2.41 -6.94
CA VAL A 218 -9.33 2.99 -8.06
C VAL A 218 -9.80 4.40 -7.69
N THR A 219 -9.75 5.31 -8.68
CA THR A 219 -10.16 6.69 -8.41
C THR A 219 -11.65 6.78 -8.09
N ALA A 220 -12.48 6.10 -8.87
CA ALA A 220 -13.91 6.15 -8.61
C ALA A 220 -14.57 4.88 -9.13
N ILE A 221 -15.80 4.65 -8.67
CA ILE A 221 -16.60 3.52 -9.11
C ILE A 221 -17.87 4.06 -9.73
N ILE A 222 -18.08 3.75 -11.01
CA ILE A 222 -19.34 4.07 -11.68
C ILE A 222 -20.24 2.85 -11.57
N PHE A 223 -21.33 3.01 -10.83
CA PHE A 223 -22.32 1.96 -10.65
C PHE A 223 -23.57 2.31 -11.44
N CYS A 224 -23.97 1.43 -12.35
CA CYS A 224 -25.12 1.67 -13.22
C CYS A 224 -26.31 0.87 -12.71
N VAL A 225 -27.47 1.53 -12.66
CA VAL A 225 -28.71 0.92 -12.19
C VAL A 225 -29.80 1.26 -13.19
N ALA A 226 -30.51 0.26 -13.67
CA ALA A 226 -31.63 0.48 -14.58
C ALA A 226 -32.87 0.83 -13.76
N LEU A 227 -33.36 2.06 -13.92
CA LEU A 227 -34.56 2.46 -13.19
C LEU A 227 -35.77 1.63 -13.62
N SER A 228 -35.91 1.40 -14.92
CA SER A 228 -37.04 0.63 -15.42
C SER A 228 -37.06 -0.79 -14.87
N ASP A 229 -35.92 -1.28 -14.37
CA ASP A 229 -35.85 -2.59 -13.74
C ASP A 229 -36.50 -2.63 -12.38
N TYR A 230 -37.16 -1.58 -11.90
CA TYR A 230 -37.86 -1.69 -10.62
C TYR A 230 -39.01 -2.68 -10.71
N ASP A 231 -39.71 -2.71 -11.84
CA ASP A 231 -40.82 -3.64 -12.02
C ASP A 231 -40.36 -5.02 -12.46
N LEU A 232 -39.13 -5.15 -12.95
CA LEU A 232 -38.63 -6.41 -13.47
C LEU A 232 -38.15 -7.31 -12.33
N VAL A 233 -37.99 -8.59 -12.66
CA VAL A 233 -37.48 -9.58 -11.72
C VAL A 233 -36.40 -10.40 -12.42
N LEU A 234 -35.58 -11.06 -11.61
CA LEU A 234 -34.49 -11.88 -12.14
C LEU A 234 -35.03 -13.09 -12.89
N MET A 240 -37.08 -12.69 -6.95
CA MET A 240 -36.34 -11.51 -6.49
C MET A 240 -36.42 -10.39 -7.52
N ASN A 241 -36.76 -9.19 -7.06
CA ASN A 241 -36.84 -8.04 -7.94
C ASN A 241 -35.46 -7.67 -8.46
N ARG A 242 -35.41 -7.22 -9.71
CA ARG A 242 -34.13 -6.83 -10.31
C ARG A 242 -33.53 -5.63 -9.59
N MET A 243 -34.36 -4.64 -9.23
CA MET A 243 -33.85 -3.48 -8.52
C MET A 243 -33.40 -3.83 -7.10
N HIS A 244 -34.04 -4.82 -6.48
CA HIS A 244 -33.58 -5.25 -5.17
C HIS A 244 -32.20 -5.90 -5.24
N GLU A 245 -31.97 -6.72 -6.27
CA GLU A 245 -30.64 -7.28 -6.48
C GLU A 245 -29.62 -6.19 -6.80
N SER A 246 -30.04 -5.18 -7.57
CA SER A 246 -29.16 -4.06 -7.85
C SER A 246 -28.80 -3.30 -6.58
N MET A 247 -29.79 -3.08 -5.70
CA MET A 247 -29.52 -2.44 -4.42
C MET A 247 -28.59 -3.28 -3.56
N LYS A 248 -28.77 -4.60 -3.56
CA LYS A 248 -27.90 -5.47 -2.80
C LYS A 248 -26.47 -5.39 -3.31
N LEU A 249 -26.29 -5.40 -4.63
CA LEU A 249 -24.95 -5.27 -5.20
C LEU A 249 -24.34 -3.91 -4.88
N PHE A 250 -25.14 -2.85 -4.94
CA PHE A 250 -24.65 -1.52 -4.60
C PHE A 250 -24.22 -1.44 -3.14
N ASP A 251 -25.00 -2.04 -2.24
CA ASP A 251 -24.64 -2.03 -0.83
C ASP A 251 -23.38 -2.86 -0.58
N SER A 252 -23.25 -3.99 -1.27
CA SER A 252 -22.05 -4.80 -1.12
C SER A 252 -20.81 -4.08 -1.61
N ILE A 253 -20.91 -3.39 -2.75
CA ILE A 253 -19.76 -2.69 -3.30
C ILE A 253 -19.41 -1.46 -2.45
N CYS A 254 -20.43 -0.69 -2.06
CA CYS A 254 -20.18 0.56 -1.34
C CYS A 254 -19.64 0.30 0.05
N ASN A 255 -20.11 -0.75 0.72
CA ASN A 255 -19.83 -0.97 2.13
C ASN A 255 -18.78 -2.04 2.38
N ASN A 256 -18.02 -2.44 1.36
CA ASN A 256 -16.96 -3.41 1.56
C ASN A 256 -15.65 -2.69 1.91
N LYS A 257 -14.69 -3.47 2.39
CA LYS A 257 -13.49 -2.90 3.00
C LYS A 257 -12.59 -2.21 1.98
N TRP A 258 -12.60 -2.67 0.73
CA TRP A 258 -11.66 -2.16 -0.26
C TRP A 258 -12.07 -0.81 -0.84
N PHE A 259 -13.31 -0.37 -0.62
CA PHE A 259 -13.81 0.90 -1.14
C PHE A 259 -14.40 1.73 -0.01
N THR A 260 -13.66 1.82 1.11
CA THR A 260 -14.15 2.58 2.24
C THR A 260 -14.27 4.07 1.91
N ASP A 261 -13.28 4.62 1.23
CA ASP A 261 -13.26 6.04 0.89
C ASP A 261 -13.39 6.29 -0.61
N THR A 262 -13.58 5.25 -1.41
CA THR A 262 -13.73 5.41 -2.85
C THR A 262 -15.10 5.98 -3.17
N SER A 263 -15.12 7.06 -3.96
CA SER A 263 -16.38 7.68 -4.34
C SER A 263 -17.08 6.88 -5.43
N ILE A 264 -18.40 6.99 -5.45
CA ILE A 264 -19.25 6.23 -6.38
C ILE A 264 -20.10 7.22 -7.17
N ILE A 265 -19.96 7.18 -8.49
CA ILE A 265 -20.88 7.86 -9.39
C ILE A 265 -21.99 6.87 -9.73
N LEU A 266 -23.20 7.17 -9.27
CA LEU A 266 -24.35 6.29 -9.46
C LEU A 266 -25.15 6.80 -10.66
N PHE A 267 -25.10 6.05 -11.75
CA PHE A 267 -25.91 6.37 -12.92
C PHE A 267 -27.23 5.62 -12.82
N LEU A 268 -28.32 6.34 -12.98
CA LEU A 268 -29.66 5.77 -12.98
C LEU A 268 -30.17 5.85 -14.41
N ASN A 269 -29.91 4.79 -15.17
CA ASN A 269 -30.19 4.78 -16.60
C ASN A 269 -31.66 4.48 -16.87
N LYS A 270 -32.02 4.59 -18.14
CA LYS A 270 -33.38 4.31 -18.61
C LYS A 270 -34.41 5.16 -17.88
N LYS A 271 -34.10 6.45 -17.70
CA LYS A 271 -35.05 7.35 -17.07
C LYS A 271 -36.26 7.60 -17.96
N ASP A 272 -36.09 7.57 -19.29
CA ASP A 272 -37.22 7.76 -20.18
C ASP A 272 -38.17 6.58 -20.13
N LEU A 273 -37.63 5.36 -20.20
CA LEU A 273 -38.46 4.17 -20.09
C LEU A 273 -39.11 4.09 -18.71
N PHE A 274 -38.37 4.46 -17.67
CA PHE A 274 -38.92 4.47 -16.32
C PHE A 274 -40.08 5.46 -16.21
N GLU A 275 -39.92 6.66 -16.78
CA GLU A 275 -41.00 7.64 -16.75
C GLU A 275 -42.21 7.13 -17.54
N GLU A 276 -41.96 6.47 -18.67
CA GLU A 276 -43.07 5.93 -19.46
C GLU A 276 -43.82 4.85 -18.70
N LYS A 277 -43.11 3.98 -17.99
CA LYS A 277 -43.73 2.83 -17.35
C LYS A 277 -44.21 3.12 -15.93
N ILE A 278 -43.83 4.25 -15.34
CA ILE A 278 -44.32 4.58 -14.00
C ILE A 278 -45.78 4.98 -14.01
N LYS A 279 -46.33 5.32 -15.18
CA LYS A 279 -47.74 5.69 -15.28
C LYS A 279 -48.67 4.48 -15.24
N LYS A 280 -48.13 3.28 -15.43
CA LYS A 280 -48.94 2.05 -15.43
C LYS A 280 -48.56 1.11 -14.30
N SER A 281 -47.27 0.85 -14.11
CA SER A 281 -46.82 -0.03 -13.04
C SER A 281 -46.44 0.82 -11.83
N PRO A 282 -47.17 0.75 -10.72
CA PRO A 282 -46.83 1.57 -9.56
C PRO A 282 -45.50 1.14 -8.93
N LEU A 283 -44.85 2.11 -8.28
CA LEU A 283 -43.59 1.85 -7.62
C LEU A 283 -43.73 0.96 -6.39
N THR A 284 -44.95 0.71 -5.93
CA THR A 284 -45.15 -0.10 -4.73
C THR A 284 -44.64 -1.53 -4.91
N ILE A 285 -44.65 -2.02 -6.15
CA ILE A 285 -44.19 -3.40 -6.39
C ILE A 285 -42.70 -3.54 -6.16
N CYS A 286 -41.94 -2.45 -6.22
CA CYS A 286 -40.52 -2.47 -5.90
C CYS A 286 -40.22 -2.01 -4.49
N TYR A 287 -40.86 -0.93 -4.04
CA TYR A 287 -40.74 -0.42 -2.67
C TYR A 287 -42.13 -0.39 -2.05
N PRO A 288 -42.54 -1.45 -1.36
CA PRO A 288 -43.87 -1.44 -0.73
C PRO A 288 -44.04 -0.35 0.30
N GLU A 289 -42.95 0.14 0.90
CA GLU A 289 -43.02 1.23 1.87
C GLU A 289 -43.17 2.59 1.21
N TYR A 290 -43.09 2.68 -0.10
CA TYR A 290 -43.24 3.95 -0.79
C TYR A 290 -44.63 4.52 -0.58
N ALA A 291 -44.70 5.81 -0.25
CA ALA A 291 -45.96 6.47 0.01
C ALA A 291 -46.14 7.78 -0.77
N GLY A 292 -45.16 8.17 -1.57
CA GLY A 292 -45.27 9.38 -2.36
C GLY A 292 -46.14 9.19 -3.57
N SER A 293 -46.33 10.28 -4.30
CA SER A 293 -47.15 10.26 -5.50
C SER A 293 -46.49 9.40 -6.58
N ASN A 294 -47.32 8.85 -7.46
CA ASN A 294 -46.84 7.99 -8.53
C ASN A 294 -46.46 8.80 -9.76
N THR A 295 -45.62 9.81 -9.57
CA THR A 295 -45.08 10.63 -10.63
C THR A 295 -43.63 10.28 -10.87
N TYR A 296 -43.11 10.69 -12.03
CA TYR A 296 -41.74 10.34 -12.39
C TYR A 296 -40.74 10.98 -11.44
N GLU A 297 -40.93 12.26 -11.11
CA GLU A 297 -39.97 12.97 -10.28
C GLU A 297 -39.93 12.40 -8.87
N GLU A 298 -41.10 12.19 -8.26
CA GLU A 298 -41.15 11.67 -6.90
C GLU A 298 -40.56 10.26 -6.82
N ALA A 299 -40.92 9.40 -7.77
CA ALA A 299 -40.41 8.03 -7.76
C ALA A 299 -38.91 8.01 -8.01
N ALA A 300 -38.42 8.83 -8.94
CA ALA A 300 -36.99 8.88 -9.22
C ALA A 300 -36.21 9.37 -8.01
N ALA A 301 -36.70 10.42 -7.35
CA ALA A 301 -36.05 10.89 -6.13
C ALA A 301 -36.08 9.83 -5.04
N TYR A 302 -37.19 9.10 -4.92
CA TYR A 302 -37.29 8.05 -3.92
C TYR A 302 -36.28 6.94 -4.18
N ILE A 303 -36.14 6.52 -5.44
CA ILE A 303 -35.17 5.49 -5.77
C ILE A 303 -33.75 5.97 -5.52
N GLN A 304 -33.45 7.21 -5.91
CA GLN A 304 -32.12 7.75 -5.67
C GLN A 304 -31.81 7.85 -4.18
N CYS A 305 -32.78 8.27 -3.38
CA CYS A 305 -32.58 8.34 -1.93
C CYS A 305 -32.43 6.95 -1.33
N GLN A 306 -33.17 5.97 -1.83
CA GLN A 306 -33.02 4.61 -1.34
C GLN A 306 -31.63 4.07 -1.63
N PHE A 307 -31.08 4.40 -2.80
CA PHE A 307 -29.72 3.96 -3.12
C PHE A 307 -28.68 4.73 -2.31
N GLU A 308 -28.93 6.01 -2.04
CA GLU A 308 -27.96 6.81 -1.31
C GLU A 308 -27.96 6.46 0.18
N ASP A 309 -29.08 5.99 0.71
CA ASP A 309 -29.16 5.59 2.11
C ASP A 309 -28.34 4.35 2.41
N LEU A 310 -27.94 3.59 1.39
CA LEU A 310 -27.08 2.43 1.58
C LEU A 310 -25.66 2.82 1.93
N ASN A 311 -25.31 4.11 1.87
CA ASN A 311 -23.97 4.56 2.22
C ASN A 311 -23.81 4.56 3.74
N LYS A 312 -22.89 3.73 4.23
CA LYS A 312 -22.63 3.62 5.66
C LYS A 312 -21.52 4.55 6.14
N ARG A 313 -20.87 5.28 5.23
CA ARG A 313 -19.81 6.22 5.54
C ARG A 313 -20.09 7.56 4.87
N LYS A 314 -21.30 8.09 5.08
CA LYS A 314 -21.71 9.33 4.44
C LYS A 314 -20.75 10.48 4.76
N ASP A 315 -20.05 10.41 5.89
CA ASP A 315 -19.14 11.48 6.26
C ASP A 315 -17.87 11.49 5.42
N THR A 316 -17.43 10.32 4.94
CA THR A 316 -16.18 10.21 4.21
C THR A 316 -16.36 9.94 2.72
N LYS A 317 -17.38 9.19 2.34
CA LYS A 317 -17.61 8.81 0.96
C LYS A 317 -18.82 9.55 0.40
N GLU A 318 -18.71 10.03 -0.83
CA GLU A 318 -19.80 10.72 -1.49
C GLU A 318 -20.29 9.89 -2.66
N ILE A 319 -21.61 9.88 -2.85
CA ILE A 319 -22.25 9.18 -3.96
C ILE A 319 -22.83 10.24 -4.89
N TYR A 320 -22.29 10.32 -6.09
CA TYR A 320 -22.77 11.26 -7.10
C TYR A 320 -23.81 10.55 -7.96
N THR A 321 -25.04 11.02 -7.92
CA THR A 321 -26.14 10.39 -8.65
C THR A 321 -26.48 11.22 -9.88
N HIS A 322 -26.49 10.56 -11.03
CA HIS A 322 -26.90 11.18 -12.29
C HIS A 322 -27.94 10.31 -12.96
N PHE A 323 -28.95 10.94 -13.54
CA PHE A 323 -30.02 10.22 -14.23
C PHE A 323 -29.66 10.13 -15.71
N THR A 324 -28.88 9.12 -16.04
CA THR A 324 -28.50 8.88 -17.42
C THR A 324 -29.67 8.27 -18.21
N CYS A 325 -29.56 8.34 -19.53
CA CYS A 325 -30.56 7.78 -20.44
C CYS A 325 -29.97 7.79 -21.84
N ALA A 326 -30.75 7.27 -22.79
CA ALA A 326 -30.34 7.32 -24.18
C ALA A 326 -30.34 8.75 -24.70
N THR A 327 -29.42 9.04 -25.63
CA THR A 327 -29.26 10.36 -26.21
C THR A 327 -29.01 11.41 -25.12
N ASP A 328 -28.08 11.10 -24.22
CA ASP A 328 -27.68 11.98 -23.14
C ASP A 328 -26.18 12.23 -23.25
N THR A 329 -25.80 13.47 -23.56
CA THR A 329 -24.40 13.83 -23.76
C THR A 329 -23.75 14.44 -22.53
N LYS A 330 -24.46 14.51 -21.41
CA LYS A 330 -23.94 15.12 -20.19
C LYS A 330 -23.38 14.11 -19.20
N ASN A 331 -23.35 12.82 -19.56
CA ASN A 331 -22.88 11.81 -18.62
C ASN A 331 -21.37 11.89 -18.42
N VAL A 332 -20.63 12.04 -19.52
CA VAL A 332 -19.17 12.11 -19.41
C VAL A 332 -18.75 13.39 -18.68
N GLN A 333 -19.49 14.49 -18.89
CA GLN A 333 -19.22 15.71 -18.15
C GLN A 333 -19.48 15.54 -16.67
N PHE A 334 -20.55 14.81 -16.31
CA PHE A 334 -20.83 14.53 -14.91
C PHE A 334 -19.70 13.69 -14.30
N VAL A 335 -19.23 12.68 -15.02
CA VAL A 335 -18.12 11.88 -14.53
C VAL A 335 -16.88 12.75 -14.34
N PHE A 336 -16.62 13.66 -15.30
CA PHE A 336 -15.46 14.53 -15.21
C PHE A 336 -15.55 15.43 -13.98
N ASP A 337 -16.71 16.02 -13.72
CA ASP A 337 -16.87 16.87 -12.55
C ASP A 337 -16.71 16.08 -11.25
N ALA A 338 -17.31 14.89 -11.19
CA ALA A 338 -17.21 14.07 -9.99
C ALA A 338 -15.76 13.66 -9.72
N VAL A 339 -15.04 13.25 -10.76
CA VAL A 339 -13.66 12.83 -10.55
C VAL A 339 -12.76 14.03 -10.29
N THR A 340 -13.14 15.21 -10.78
CA THR A 340 -12.40 16.41 -10.41
C THR A 340 -12.55 16.70 -8.93
N ASP A 341 -13.77 16.59 -8.40
CA ASP A 341 -13.96 16.74 -6.96
C ASP A 341 -13.18 15.69 -6.19
N VAL A 342 -13.20 14.45 -6.66
CA VAL A 342 -12.48 13.38 -5.99
C VAL A 342 -10.97 13.65 -6.01
N ILE A 343 -10.47 14.15 -7.13
CA ILE A 343 -9.05 14.42 -7.27
C ILE A 343 -8.63 15.56 -6.34
N ILE A 344 -9.46 16.60 -6.24
CA ILE A 344 -9.15 17.69 -5.31
C ILE A 344 -9.14 17.18 -3.87
N LYS A 345 -10.12 16.33 -3.52
CA LYS A 345 -10.13 15.75 -2.18
C LYS A 345 -8.87 14.94 -1.91
N ASN A 346 -8.47 14.12 -2.89
CA ASN A 346 -7.29 13.27 -2.72
C ASN A 346 -6.02 14.10 -2.63
N ASN A 347 -5.93 15.19 -3.41
CA ASN A 347 -4.77 16.07 -3.31
C ASN A 347 -4.71 16.75 -1.95
N LEU A 348 -5.87 17.18 -1.43
CA LEU A 348 -5.89 17.78 -0.10
C LEU A 348 -5.47 16.76 0.95
N LYS A 349 -5.93 15.52 0.83
CA LYS A 349 -5.54 14.48 1.77
C LYS A 349 -4.04 14.18 1.70
N ASP A 350 -3.49 14.10 0.48
CA ASP A 350 -2.07 13.80 0.31
C ASP A 350 -1.20 14.94 0.81
N CYS A 351 -1.72 16.17 0.82
CA CYS A 351 -0.98 17.31 1.33
C CYS A 351 -1.06 17.45 2.84
N GLY A 352 -1.78 16.56 3.51
CA GLY A 352 -2.02 16.73 4.94
C GLY A 352 -2.84 17.97 5.22
N LEU A 353 -3.88 18.19 4.42
CA LEU A 353 -4.70 19.39 4.53
C LEU A 353 -6.18 19.10 4.71
N PHE A 354 -6.60 17.85 4.58
CA PHE A 354 -8.00 17.48 4.79
C PHE A 354 -8.08 16.15 5.54
N LEU B 15 -30.99 -39.61 -9.55
CA LEU B 15 -30.80 -38.39 -8.78
C LEU B 15 -30.59 -38.71 -7.30
N ASP B 16 -31.67 -39.17 -6.64
CA ASP B 16 -31.56 -39.53 -5.23
C ASP B 16 -30.62 -40.72 -5.03
N GLN B 17 -30.72 -41.72 -5.90
CA GLN B 17 -29.84 -42.89 -5.79
C GLN B 17 -28.38 -42.50 -6.01
N LEU B 18 -28.12 -41.63 -6.99
CA LEU B 18 -26.75 -41.18 -7.23
C LEU B 18 -26.21 -40.38 -6.05
N ARG B 19 -27.05 -39.52 -5.46
CA ARG B 19 -26.61 -38.78 -4.27
C ARG B 19 -26.33 -39.71 -3.10
N GLN B 20 -27.17 -40.73 -2.92
CA GLN B 20 -26.92 -41.70 -1.86
C GLN B 20 -25.62 -42.47 -2.09
N GLU B 21 -25.36 -42.84 -3.35
CA GLU B 21 -24.12 -43.54 -3.67
C GLU B 21 -22.90 -42.64 -3.42
N ALA B 22 -23.01 -41.37 -3.77
CA ALA B 22 -21.91 -40.43 -3.51
C ALA B 22 -21.67 -40.27 -2.02
N GLU B 23 -22.75 -40.17 -1.24
CA GLU B 23 -22.61 -40.06 0.21
C GLU B 23 -21.97 -41.32 0.79
N GLN B 24 -22.36 -42.49 0.29
CA GLN B 24 -21.76 -43.74 0.75
C GLN B 24 -20.28 -43.79 0.40
N LEU B 25 -19.91 -43.35 -0.80
CA LEU B 25 -18.51 -43.33 -1.18
C LEU B 25 -17.71 -42.37 -0.33
N LYS B 26 -18.27 -41.21 -0.02
CA LYS B 26 -17.59 -40.25 0.85
C LYS B 26 -17.41 -40.83 2.26
N ASN B 27 -18.43 -41.52 2.77
CA ASN B 27 -18.30 -42.15 4.08
C ASN B 27 -17.24 -43.25 4.06
N GLN B 28 -17.17 -44.02 2.97
CA GLN B 28 -16.16 -45.06 2.86
C GLN B 28 -14.76 -44.45 2.81
N ILE B 29 -14.60 -43.35 2.08
CA ILE B 29 -13.31 -42.67 2.02
C ILE B 29 -12.90 -42.17 3.39
N ARG B 30 -13.84 -41.55 4.12
CA ARG B 30 -13.55 -41.07 5.46
C ARG B 30 -13.19 -42.22 6.39
N ASP B 31 -13.89 -43.34 6.27
CA ASP B 31 -13.59 -44.50 7.12
C ASP B 31 -12.20 -45.04 6.83
N ALA B 32 -11.82 -45.13 5.54
CA ALA B 32 -10.48 -45.59 5.19
C ALA B 32 -9.41 -44.63 5.72
N ARG B 33 -9.66 -43.33 5.61
CA ARG B 33 -8.72 -42.35 6.13
C ARG B 33 -8.56 -42.48 7.64
N LYS B 34 -9.68 -42.65 8.35
CA LYS B 34 -9.61 -42.82 9.81
C LYS B 34 -8.89 -44.12 10.16
N ALA B 35 -9.08 -45.17 9.36
CA ALA B 35 -8.40 -46.43 9.63
C ALA B 35 -6.89 -46.29 9.44
N CYS B 36 -6.46 -45.57 8.42
CA CYS B 36 -5.02 -45.45 8.16
C CYS B 36 -4.36 -44.37 9.00
N ALA B 37 -5.10 -43.65 9.84
CA ALA B 37 -4.53 -42.63 10.72
C ALA B 37 -4.31 -43.21 12.11
N ASP B 38 -3.32 -44.11 12.19
CA ASP B 38 -3.02 -44.76 13.46
C ASP B 38 -2.43 -43.78 14.46
N ALA B 39 -1.50 -42.92 14.01
CA ALA B 39 -0.87 -41.93 14.87
C ALA B 39 -1.00 -40.54 14.28
N THR B 40 -0.34 -39.56 14.87
CA THR B 40 -0.38 -38.20 14.39
C THR B 40 1.04 -37.67 14.20
N LEU B 41 1.17 -36.71 13.28
CA LEU B 41 2.49 -36.14 13.00
C LEU B 41 3.04 -35.42 14.22
N SER B 42 2.17 -34.80 15.02
CA SER B 42 2.63 -34.04 16.18
C SER B 42 3.32 -34.93 17.19
N GLN B 43 2.77 -36.12 17.44
CA GLN B 43 3.36 -37.01 18.44
C GLN B 43 4.61 -37.70 17.92
N ILE B 44 4.70 -37.94 16.61
CA ILE B 44 5.90 -38.56 16.04
C ILE B 44 7.07 -37.58 16.07
N THR B 45 6.82 -36.32 15.75
CA THR B 45 7.84 -35.27 15.81
C THR B 45 7.93 -34.62 17.18
N ASN B 46 7.25 -35.17 18.19
CA ASN B 46 7.34 -34.61 19.53
C ASN B 46 8.71 -34.85 20.14
N ASN B 47 9.40 -35.91 19.75
CA ASN B 47 10.69 -36.25 20.34
C ASN B 47 11.82 -35.38 19.79
N ILE B 48 11.74 -34.98 18.52
CA ILE B 48 12.86 -34.27 17.90
C ILE B 48 13.02 -32.88 18.52
N ASP B 49 14.25 -32.40 18.52
CA ASP B 49 14.54 -31.09 19.09
C ASP B 49 13.92 -29.99 18.24
N PRO B 50 13.47 -28.90 18.87
CA PRO B 50 12.91 -27.79 18.10
C PRO B 50 13.97 -27.13 17.24
N VAL B 51 13.51 -26.56 16.12
CA VAL B 51 14.44 -25.85 15.25
C VAL B 51 15.00 -24.59 15.91
N GLY B 52 14.33 -24.09 16.94
CA GLY B 52 14.77 -22.89 17.62
C GLY B 52 14.03 -21.65 17.18
N ARG B 53 14.75 -20.53 17.10
CA ARG B 53 14.17 -19.27 16.65
C ARG B 53 14.83 -18.86 15.34
N ILE B 54 14.00 -18.63 14.32
CA ILE B 54 14.50 -18.18 13.03
C ILE B 54 14.69 -16.66 13.08
N GLN B 55 15.90 -16.21 12.78
CA GLN B 55 16.21 -14.79 12.82
C GLN B 55 16.69 -14.29 11.46
N MET B 56 15.96 -14.66 10.41
CA MET B 56 16.31 -14.21 9.06
C MET B 56 16.21 -12.70 8.97
N ARG B 57 17.20 -12.09 8.33
CA ARG B 57 17.27 -10.64 8.19
C ARG B 57 17.17 -10.26 6.72
N THR B 58 16.65 -9.05 6.48
CA THR B 58 16.51 -8.53 5.14
C THR B 58 17.89 -8.12 4.61
N ARG B 59 18.36 -8.83 3.59
CA ARG B 59 19.62 -8.53 2.94
C ARG B 59 19.44 -7.58 1.76
N ARG B 60 18.36 -7.76 0.99
CA ARG B 60 18.10 -6.93 -0.17
C ARG B 60 16.67 -6.43 -0.12
N THR B 61 16.45 -5.25 -0.71
CA THR B 61 15.12 -4.68 -0.88
C THR B 61 15.00 -4.24 -2.33
N LEU B 62 14.24 -5.01 -3.12
CA LEU B 62 14.04 -4.69 -4.53
C LEU B 62 12.95 -3.64 -4.64
N ARG B 63 13.34 -2.42 -5.00
CA ARG B 63 12.41 -1.31 -5.15
C ARG B 63 12.41 -0.83 -6.59
N GLY B 64 11.26 -0.33 -7.02
CA GLY B 64 11.06 0.03 -8.41
C GLY B 64 9.65 -0.26 -8.87
N HIS B 65 8.98 -1.21 -8.22
CA HIS B 65 7.56 -1.40 -8.42
C HIS B 65 6.80 -0.24 -7.79
N LEU B 66 5.77 0.23 -8.49
CA LEU B 66 5.01 1.39 -8.03
C LEU B 66 3.59 1.06 -7.60
N ALA B 67 3.12 -0.17 -7.83
CA ALA B 67 1.82 -0.62 -7.36
C ALA B 67 2.01 -1.89 -6.55
N LYS B 68 0.90 -2.44 -6.06
CA LYS B 68 0.96 -3.66 -5.26
C LYS B 68 1.56 -4.80 -6.06
N ILE B 69 2.51 -5.50 -5.45
CA ILE B 69 3.11 -6.67 -6.07
C ILE B 69 2.24 -7.88 -5.78
N TYR B 70 1.81 -8.56 -6.83
CA TYR B 70 0.88 -9.68 -6.66
C TYR B 70 1.54 -11.04 -6.75
N ALA B 71 2.67 -11.15 -7.43
CA ALA B 71 3.34 -12.44 -7.55
C ALA B 71 4.83 -12.22 -7.76
N MET B 72 5.60 -13.25 -7.37
CA MET B 72 7.01 -13.35 -7.67
C MET B 72 7.34 -14.80 -7.95
N HIS B 73 8.46 -15.02 -8.64
CA HIS B 73 8.93 -16.38 -8.86
C HIS B 73 10.45 -16.36 -9.03
N TRP B 74 11.12 -17.21 -8.27
CA TRP B 74 12.57 -17.31 -8.36
C TRP B 74 12.98 -18.02 -9.64
N GLY B 75 14.18 -17.70 -10.11
CA GLY B 75 14.79 -18.47 -11.17
C GLY B 75 15.43 -19.75 -10.65
N THR B 76 15.60 -20.70 -11.55
CA THR B 76 16.27 -21.94 -11.18
C THR B 76 17.75 -21.74 -10.88
N ASP B 77 18.32 -20.60 -11.29
CA ASP B 77 19.69 -20.26 -10.92
C ASP B 77 19.77 -19.60 -9.54
N SER B 78 18.63 -19.37 -8.89
CA SER B 78 18.54 -18.81 -7.56
C SER B 78 19.09 -17.39 -7.49
N ARG B 79 19.27 -16.73 -8.64
CA ARG B 79 19.76 -15.37 -8.69
C ARG B 79 18.76 -14.43 -9.35
N LEU B 80 18.23 -14.80 -10.51
CA LEU B 80 17.24 -13.95 -11.18
C LEU B 80 15.85 -14.22 -10.60
N LEU B 81 15.05 -13.17 -10.57
CA LEU B 81 13.77 -13.23 -9.86
C LEU B 81 12.74 -12.38 -10.59
N VAL B 82 11.65 -12.97 -11.01
CA VAL B 82 10.59 -12.22 -11.68
C VAL B 82 9.52 -11.83 -10.68
N SER B 83 8.98 -10.63 -10.85
CA SER B 83 7.90 -10.14 -10.01
C SER B 83 6.88 -9.41 -10.89
N ALA B 84 5.62 -9.48 -10.48
CA ALA B 84 4.52 -8.87 -11.20
C ALA B 84 3.84 -7.84 -10.31
N SER B 85 3.61 -6.64 -10.86
CA SER B 85 2.93 -5.59 -10.12
C SER B 85 1.66 -5.17 -10.85
N GLN B 86 0.75 -4.57 -10.08
CA GLN B 86 -0.51 -4.09 -10.64
C GLN B 86 -0.34 -2.86 -11.50
N ASP B 87 0.85 -2.25 -11.54
CA ASP B 87 1.12 -1.15 -12.44
C ASP B 87 1.42 -1.63 -13.86
N GLY B 88 1.13 -2.90 -14.17
CA GLY B 88 1.36 -3.41 -15.49
C GLY B 88 2.81 -3.69 -15.81
N LYS B 89 3.61 -4.04 -14.81
CA LYS B 89 5.03 -4.27 -14.99
C LYS B 89 5.42 -5.65 -14.51
N LEU B 90 6.31 -6.28 -15.26
CA LEU B 90 6.88 -7.59 -14.96
C LEU B 90 8.39 -7.38 -14.88
N ILE B 91 8.93 -7.25 -13.68
CA ILE B 91 10.33 -6.89 -13.50
C ILE B 91 11.14 -8.14 -13.18
N ILE B 92 12.20 -8.36 -13.94
CA ILE B 92 13.17 -9.43 -13.69
C ILE B 92 14.39 -8.80 -13.05
N TRP B 93 14.66 -9.19 -11.80
CA TRP B 93 15.68 -8.62 -10.95
C TRP B 93 16.89 -9.55 -10.90
N ASP B 94 18.07 -8.95 -10.81
CA ASP B 94 19.28 -9.64 -10.37
C ASP B 94 19.35 -9.48 -8.86
N SER B 95 19.00 -10.55 -8.13
CA SER B 95 18.87 -10.43 -6.68
C SER B 95 20.20 -10.16 -5.99
N TYR B 96 21.30 -10.69 -6.53
CA TYR B 96 22.60 -10.49 -5.90
C TYR B 96 22.98 -9.01 -5.88
N THR B 97 22.78 -8.32 -7.00
CA THR B 97 23.22 -6.94 -7.15
C THR B 97 22.08 -5.94 -7.10
N THR B 98 20.83 -6.40 -6.93
CA THR B 98 19.61 -5.60 -6.90
C THR B 98 19.32 -4.98 -8.27
N ASN B 99 20.18 -5.20 -9.26
CA ASN B 99 19.97 -4.64 -10.58
C ASN B 99 18.72 -5.22 -11.24
N LYS B 100 18.09 -4.40 -12.07
CA LYS B 100 16.90 -4.81 -12.82
C LYS B 100 17.34 -5.31 -14.19
N VAL B 101 17.27 -6.62 -14.39
CA VAL B 101 17.67 -7.19 -15.67
C VAL B 101 16.67 -6.84 -16.75
N HIS B 102 15.38 -6.95 -16.45
CA HIS B 102 14.34 -6.72 -17.45
C HIS B 102 13.15 -6.01 -16.82
N ALA B 103 12.40 -5.28 -17.64
CA ALA B 103 11.15 -4.67 -17.23
C ALA B 103 10.18 -4.80 -18.41
N ILE B 104 9.26 -5.75 -18.30
CA ILE B 104 8.32 -6.06 -19.38
C ILE B 104 7.04 -5.27 -19.13
N PRO B 105 6.60 -4.44 -20.08
CA PRO B 105 5.30 -3.77 -19.95
C PRO B 105 4.17 -4.70 -20.37
N LEU B 106 3.26 -4.99 -19.44
CA LEU B 106 2.18 -5.92 -19.68
C LEU B 106 1.01 -5.22 -20.35
N ARG B 107 0.39 -5.91 -21.31
CA ARG B 107 -0.78 -5.34 -21.99
C ARG B 107 -1.95 -5.17 -21.04
N SER B 108 -2.04 -5.99 -20.00
CA SER B 108 -3.04 -5.85 -18.95
C SER B 108 -2.35 -5.65 -17.62
N SER B 109 -2.74 -4.60 -16.91
CA SER B 109 -2.12 -4.27 -15.62
C SER B 109 -2.72 -5.05 -14.47
N TRP B 110 -3.71 -5.90 -14.72
CA TRP B 110 -4.44 -6.62 -13.68
C TRP B 110 -3.93 -8.05 -13.51
N VAL B 111 -2.62 -8.25 -13.66
CA VAL B 111 -2.04 -9.56 -13.46
C VAL B 111 -1.98 -9.88 -11.97
N MET B 112 -2.19 -11.15 -11.65
CA MET B 112 -2.11 -11.63 -10.27
C MET B 112 -1.17 -12.81 -10.11
N THR B 113 -0.50 -13.25 -11.17
CA THR B 113 0.45 -14.34 -11.09
C THR B 113 1.57 -14.11 -12.09
N CYS B 114 2.70 -14.77 -11.84
CA CYS B 114 3.83 -14.75 -12.76
C CYS B 114 4.64 -16.01 -12.55
N ALA B 115 5.26 -16.49 -13.63
CA ALA B 115 6.07 -17.69 -13.59
C ALA B 115 7.37 -17.47 -14.33
N TYR B 116 8.39 -18.22 -13.93
CA TYR B 116 9.71 -18.18 -14.53
C TYR B 116 10.02 -19.56 -15.08
N ALA B 117 10.40 -19.63 -16.35
CA ALA B 117 10.68 -20.92 -16.96
C ALA B 117 11.89 -21.56 -16.30
N PRO B 118 11.87 -22.88 -16.08
CA PRO B 118 13.04 -23.55 -15.48
C PRO B 118 14.31 -23.36 -16.28
N SER B 119 14.20 -23.25 -17.60
CA SER B 119 15.35 -22.93 -18.43
C SER B 119 15.74 -21.46 -18.34
N GLY B 120 14.84 -20.60 -17.89
CA GLY B 120 15.09 -19.18 -17.82
C GLY B 120 14.85 -18.43 -19.11
N ASN B 121 14.42 -19.10 -20.18
CA ASN B 121 14.24 -18.45 -21.47
C ASN B 121 12.91 -17.72 -21.58
N TYR B 122 11.94 -18.05 -20.72
CA TYR B 122 10.60 -17.49 -20.83
C TYR B 122 10.09 -17.09 -19.45
N VAL B 123 9.16 -16.15 -19.46
CA VAL B 123 8.45 -15.72 -18.26
C VAL B 123 6.96 -15.71 -18.56
N ALA B 124 6.17 -16.29 -17.67
CA ALA B 124 4.72 -16.29 -17.81
C ALA B 124 4.11 -15.26 -16.86
N CYS B 125 2.99 -14.69 -17.29
CA CYS B 125 2.20 -13.83 -16.43
C CYS B 125 0.73 -13.99 -16.83
N GLY B 126 -0.15 -13.46 -15.98
CA GLY B 126 -1.56 -13.55 -16.26
C GLY B 126 -2.36 -13.00 -15.11
N GLY B 127 -3.66 -12.87 -15.34
CA GLY B 127 -4.53 -12.32 -14.33
C GLY B 127 -5.96 -12.12 -14.77
N LEU B 128 -6.49 -10.94 -14.49
CA LEU B 128 -7.89 -10.64 -14.73
C LEU B 128 -8.25 -10.60 -16.22
N ASP B 129 -7.27 -10.62 -17.12
CA ASP B 129 -7.55 -10.67 -18.55
C ASP B 129 -7.82 -12.09 -19.05
N ASN B 130 -7.76 -13.09 -18.17
CA ASN B 130 -8.06 -14.48 -18.49
C ASN B 130 -7.08 -15.10 -19.48
N ILE B 131 -5.89 -14.51 -19.62
CA ILE B 131 -4.91 -14.94 -20.62
C ILE B 131 -3.56 -15.10 -19.95
N CYS B 132 -2.86 -16.18 -20.29
CA CYS B 132 -1.48 -16.39 -19.88
C CYS B 132 -0.57 -15.90 -20.99
N SER B 133 0.26 -14.91 -20.70
CA SER B 133 1.21 -14.36 -21.64
C SER B 133 2.59 -14.93 -21.35
N ILE B 134 3.21 -15.51 -22.37
CA ILE B 134 4.55 -16.07 -22.31
C ILE B 134 5.46 -15.13 -23.08
N TYR B 135 6.47 -14.59 -22.39
CA TYR B 135 7.43 -13.64 -22.94
C TYR B 135 8.78 -14.31 -23.07
N ASN B 136 9.39 -14.14 -24.24
CA ASN B 136 10.72 -14.68 -24.53
C ASN B 136 11.78 -13.68 -24.10
N LEU B 137 12.61 -14.07 -23.14
CA LEU B 137 13.69 -13.20 -22.67
C LEU B 137 14.94 -13.31 -23.52
N LYS B 138 15.13 -14.43 -24.22
CA LYS B 138 16.34 -14.71 -24.99
C LYS B 138 16.16 -14.42 -26.46
N THR B 139 15.41 -13.37 -26.80
CA THR B 139 15.23 -13.00 -28.20
C THR B 139 16.56 -12.54 -28.79
N ARG B 140 16.79 -12.88 -30.06
CA ARG B 140 18.02 -12.49 -30.74
C ARG B 140 18.10 -10.98 -30.90
N GLU B 141 16.96 -10.29 -31.01
CA GLU B 141 16.93 -8.85 -31.17
C GLU B 141 17.39 -8.10 -29.92
N GLY B 142 17.46 -8.78 -28.77
CA GLY B 142 17.90 -8.15 -27.54
C GLY B 142 16.80 -7.54 -26.70
N ASN B 143 15.56 -7.54 -27.18
CA ASN B 143 14.43 -6.98 -26.45
C ASN B 143 13.42 -8.08 -26.15
N VAL B 144 12.84 -8.03 -24.96
CA VAL B 144 11.87 -9.04 -24.55
C VAL B 144 10.53 -8.73 -25.21
N ARG B 145 9.99 -9.72 -25.92
CA ARG B 145 8.68 -9.61 -26.54
C ARG B 145 7.84 -10.81 -26.16
N VAL B 146 6.52 -10.60 -26.11
CA VAL B 146 5.62 -11.70 -25.80
C VAL B 146 5.68 -12.73 -26.91
N SER B 147 5.90 -13.98 -26.54
CA SER B 147 6.01 -15.06 -27.50
C SER B 147 4.70 -15.82 -27.69
N ARG B 148 3.83 -15.83 -26.69
CA ARG B 148 2.58 -16.56 -26.80
C ARG B 148 1.52 -15.93 -25.91
N GLU B 149 0.26 -16.06 -26.33
CA GLU B 149 -0.87 -15.68 -25.50
C GLU B 149 -1.87 -16.83 -25.53
N LEU B 150 -2.16 -17.40 -24.37
CA LEU B 150 -2.96 -18.62 -24.25
C LEU B 150 -4.41 -18.24 -23.99
N ALA B 151 -5.27 -18.50 -24.98
CA ALA B 151 -6.68 -18.15 -24.90
C ALA B 151 -7.49 -19.32 -24.36
N GLY B 152 -8.40 -19.01 -23.45
CA GLY B 152 -9.15 -19.98 -22.70
C GLY B 152 -9.43 -19.41 -21.32
N HIS B 153 -9.81 -20.27 -20.38
CA HIS B 153 -10.02 -19.86 -19.00
C HIS B 153 -10.95 -18.66 -18.89
N THR B 154 -12.24 -18.94 -19.11
CA THR B 154 -13.28 -17.92 -19.02
C THR B 154 -13.33 -17.23 -17.66
N GLY B 155 -12.48 -17.65 -16.71
CA GLY B 155 -12.29 -16.96 -15.46
C GLY B 155 -10.88 -16.41 -15.34
N TYR B 156 -10.69 -15.54 -14.34
CA TYR B 156 -9.40 -14.91 -14.15
C TYR B 156 -8.34 -15.96 -13.86
N LEU B 157 -7.15 -15.77 -14.42
CA LEU B 157 -6.08 -16.74 -14.30
C LEU B 157 -5.25 -16.41 -13.07
N SER B 158 -5.24 -17.32 -12.08
CA SER B 158 -4.71 -17.03 -10.75
C SER B 158 -3.31 -17.59 -10.51
N CYS B 159 -2.90 -18.61 -11.26
CA CYS B 159 -1.57 -19.18 -11.09
C CYS B 159 -1.12 -19.78 -12.40
N CYS B 160 0.19 -19.74 -12.63
CA CYS B 160 0.80 -20.37 -13.80
C CYS B 160 2.15 -20.92 -13.37
N ARG B 161 2.45 -22.13 -13.79
CA ARG B 161 3.71 -22.78 -13.46
C ARG B 161 4.26 -23.46 -14.70
N PHE B 162 5.50 -23.11 -15.06
CA PHE B 162 6.10 -23.69 -16.25
C PHE B 162 6.45 -25.15 -16.03
N LEU B 163 6.09 -25.98 -16.99
CA LEU B 163 6.44 -27.41 -17.01
C LEU B 163 7.26 -27.59 -18.27
N ASP B 164 8.57 -27.38 -18.17
CA ASP B 164 9.47 -27.26 -19.32
C ASP B 164 9.13 -26.01 -20.14
N ASP B 165 9.76 -25.86 -21.30
CA ASP B 165 9.64 -24.64 -22.09
C ASP B 165 8.48 -24.66 -23.08
N ASN B 166 7.83 -25.81 -23.28
CA ASN B 166 6.79 -25.92 -24.29
C ASN B 166 5.39 -26.15 -23.73
N GLN B 167 5.27 -26.56 -22.48
CA GLN B 167 3.96 -26.73 -21.86
C GLN B 167 3.95 -26.05 -20.50
N ILE B 168 2.77 -25.58 -20.12
CA ILE B 168 2.61 -24.82 -18.88
C ILE B 168 1.25 -25.15 -18.27
N VAL B 169 1.22 -25.31 -16.95
CA VAL B 169 -0.02 -25.54 -16.22
C VAL B 169 -0.48 -24.22 -15.62
N THR B 170 -1.71 -23.84 -15.93
CA THR B 170 -2.30 -22.60 -15.46
C THR B 170 -3.64 -22.88 -14.82
N SER B 171 -3.90 -22.27 -13.67
CA SER B 171 -5.17 -22.38 -12.98
C SER B 171 -5.91 -21.05 -13.08
N SER B 172 -7.24 -21.13 -13.10
CA SER B 172 -8.04 -19.93 -13.29
C SER B 172 -9.24 -19.92 -12.37
N GLY B 173 -9.96 -18.81 -12.38
CA GLY B 173 -11.17 -18.60 -11.62
C GLY B 173 -12.43 -19.14 -12.24
N ASP B 174 -12.32 -19.98 -13.27
CA ASP B 174 -13.45 -20.73 -13.80
C ASP B 174 -13.50 -22.15 -13.26
N THR B 175 -12.88 -22.39 -12.10
CA THR B 175 -12.89 -23.67 -11.39
C THR B 175 -12.21 -24.78 -12.19
N THR B 176 -11.33 -24.44 -13.12
CA THR B 176 -10.60 -25.44 -13.90
C THR B 176 -9.13 -25.06 -13.98
N CYS B 177 -8.30 -26.07 -14.18
CA CYS B 177 -6.89 -25.90 -14.52
C CYS B 177 -6.67 -26.41 -15.94
N ALA B 178 -5.53 -26.03 -16.53
CA ALA B 178 -5.27 -26.42 -17.90
C ALA B 178 -3.77 -26.56 -18.12
N LEU B 179 -3.38 -27.67 -18.75
CA LEU B 179 -2.03 -27.84 -19.28
C LEU B 179 -2.06 -27.45 -20.75
N TRP B 180 -1.29 -26.42 -21.10
CA TRP B 180 -1.22 -25.86 -22.44
C TRP B 180 0.07 -26.26 -23.11
N ASP B 181 -0.01 -26.52 -24.41
CA ASP B 181 1.15 -26.62 -25.28
C ASP B 181 1.45 -25.22 -25.84
N ILE B 182 2.58 -24.65 -25.45
CA ILE B 182 2.85 -23.24 -25.77
C ILE B 182 3.07 -23.06 -27.27
N GLU B 183 3.72 -24.04 -27.92
CA GLU B 183 3.99 -23.91 -29.35
C GLU B 183 2.70 -23.81 -30.15
N THR B 184 1.71 -24.63 -29.83
CA THR B 184 0.43 -24.58 -30.51
C THR B 184 -0.55 -23.62 -29.86
N GLY B 185 -0.33 -23.25 -28.60
CA GLY B 185 -1.21 -22.33 -27.92
C GLY B 185 -2.54 -22.91 -27.48
N GLN B 186 -2.68 -24.22 -27.50
CA GLN B 186 -3.94 -24.88 -27.22
C GLN B 186 -3.83 -25.71 -25.93
N GLN B 187 -4.95 -25.78 -25.21
CA GLN B 187 -5.01 -26.56 -23.98
C GLN B 187 -4.85 -28.04 -24.30
N THR B 188 -3.69 -28.60 -23.97
CA THR B 188 -3.48 -30.03 -24.15
C THR B 188 -4.41 -30.83 -23.22
N THR B 189 -4.53 -30.39 -21.97
CA THR B 189 -5.33 -31.10 -20.99
C THR B 189 -6.11 -30.11 -20.15
N THR B 190 -7.30 -30.50 -19.71
CA THR B 190 -8.14 -29.67 -18.85
C THR B 190 -8.52 -30.47 -17.60
N PHE B 191 -8.46 -29.81 -16.45
CA PHE B 191 -8.75 -30.41 -15.15
C PHE B 191 -9.97 -29.70 -14.57
N THR B 192 -11.09 -30.42 -14.50
CA THR B 192 -12.40 -29.85 -14.24
C THR B 192 -13.07 -30.55 -13.06
N GLY B 193 -12.35 -30.69 -11.95
CA GLY B 193 -12.92 -31.31 -10.77
C GLY B 193 -13.30 -30.32 -9.67
N HIS B 194 -12.62 -29.18 -9.62
CA HIS B 194 -12.85 -28.22 -8.56
C HIS B 194 -14.21 -27.55 -8.70
N THR B 195 -14.81 -27.22 -7.55
CA THR B 195 -16.10 -26.54 -7.50
C THR B 195 -15.98 -25.04 -7.34
N GLY B 196 -15.03 -24.57 -6.53
CA GLY B 196 -14.76 -23.16 -6.39
C GLY B 196 -13.62 -22.69 -7.28
N ASP B 197 -13.36 -21.39 -7.22
CA ASP B 197 -12.29 -20.80 -8.03
C ASP B 197 -10.95 -21.34 -7.58
N VAL B 198 -10.15 -21.79 -8.53
CA VAL B 198 -8.83 -22.34 -8.21
C VAL B 198 -7.87 -21.17 -8.04
N MET B 199 -7.25 -21.07 -6.86
CA MET B 199 -6.47 -19.90 -6.51
C MET B 199 -4.96 -20.12 -6.55
N SER B 200 -4.50 -21.36 -6.54
CA SER B 200 -3.06 -21.60 -6.49
C SER B 200 -2.73 -22.92 -7.17
N LEU B 201 -1.48 -23.01 -7.63
CA LEU B 201 -0.93 -24.22 -8.22
C LEU B 201 0.41 -24.52 -7.60
N SER B 202 0.79 -25.79 -7.66
CA SER B 202 2.12 -26.23 -7.26
C SER B 202 2.47 -27.44 -8.09
N LEU B 203 3.60 -27.41 -8.76
CA LEU B 203 4.08 -28.54 -9.53
C LEU B 203 5.04 -29.38 -8.69
N ALA B 204 4.88 -30.69 -8.77
CA ALA B 204 5.76 -31.59 -8.06
C ALA B 204 7.16 -31.51 -8.66
N PRO B 205 8.19 -31.87 -7.89
CA PRO B 205 9.56 -31.82 -8.43
C PRO B 205 9.75 -32.63 -9.69
N ASP B 206 9.04 -33.75 -9.85
CA ASP B 206 9.11 -34.52 -11.09
C ASP B 206 8.16 -34.01 -12.16
N THR B 207 7.30 -33.04 -11.83
CA THR B 207 6.33 -32.44 -12.77
C THR B 207 5.42 -33.47 -13.42
N ARG B 208 5.17 -34.58 -12.72
CA ARG B 208 4.18 -35.56 -13.17
C ARG B 208 2.85 -35.41 -12.46
N LEU B 209 2.82 -34.74 -11.32
CA LEU B 209 1.60 -34.44 -10.58
C LEU B 209 1.62 -32.99 -10.17
N PHE B 210 0.43 -32.45 -9.91
CA PHE B 210 0.37 -31.10 -9.35
C PHE B 210 -0.87 -30.96 -8.49
N VAL B 211 -0.76 -30.18 -7.42
CA VAL B 211 -1.87 -29.92 -6.51
C VAL B 211 -2.40 -28.52 -6.76
N SER B 212 -3.72 -28.40 -6.73
CA SER B 212 -4.39 -27.11 -6.90
C SER B 212 -5.36 -26.92 -5.74
N GLY B 213 -5.26 -25.78 -5.06
CA GLY B 213 -6.22 -25.39 -4.04
C GLY B 213 -7.23 -24.43 -4.61
N ALA B 214 -8.48 -24.57 -4.19
CA ALA B 214 -9.56 -23.77 -4.76
C ALA B 214 -10.37 -23.12 -3.66
N CYS B 215 -11.29 -22.24 -4.08
CA CYS B 215 -12.15 -21.51 -3.16
C CYS B 215 -13.17 -22.40 -2.47
N ASP B 216 -13.37 -23.63 -2.93
CA ASP B 216 -14.25 -24.58 -2.28
C ASP B 216 -13.63 -25.21 -1.05
N ALA B 217 -12.55 -24.62 -0.53
CA ALA B 217 -11.83 -25.14 0.62
C ALA B 217 -11.33 -26.56 0.38
N SER B 218 -10.92 -26.83 -0.85
CA SER B 218 -10.48 -28.16 -1.24
C SER B 218 -9.20 -28.07 -2.05
N ALA B 219 -8.33 -29.05 -1.87
CA ALA B 219 -7.15 -29.23 -2.69
C ALA B 219 -7.29 -30.52 -3.49
N LYS B 220 -6.78 -30.51 -4.71
CA LYS B 220 -6.90 -31.65 -5.60
C LYS B 220 -5.56 -31.97 -6.22
N LEU B 221 -5.24 -33.26 -6.27
CA LEU B 221 -4.01 -33.75 -6.89
C LEU B 221 -4.34 -34.29 -8.27
N TRP B 222 -3.72 -33.72 -9.29
CA TRP B 222 -3.96 -34.08 -10.68
C TRP B 222 -2.73 -34.71 -11.29
N ASP B 223 -2.94 -35.78 -12.05
CA ASP B 223 -1.92 -36.37 -12.90
C ASP B 223 -1.84 -35.57 -14.19
N VAL B 224 -0.66 -35.01 -14.48
CA VAL B 224 -0.50 -34.20 -15.67
C VAL B 224 -0.71 -35.04 -16.93
N ARG B 225 -0.12 -36.24 -16.96
CA ARG B 225 -0.23 -37.08 -18.14
C ARG B 225 -1.63 -37.67 -18.29
N GLU B 226 -2.20 -38.17 -17.19
CA GLU B 226 -3.52 -38.79 -17.26
C GLU B 226 -4.62 -37.74 -17.41
N GLY B 227 -4.47 -36.60 -16.74
CA GLY B 227 -5.47 -35.55 -16.82
C GLY B 227 -6.63 -35.71 -15.86
N MET B 228 -6.58 -36.67 -14.95
CA MET B 228 -7.64 -36.91 -13.99
C MET B 228 -7.18 -36.56 -12.58
N CYS B 229 -8.15 -36.33 -11.71
CA CYS B 229 -7.87 -36.01 -10.31
C CYS B 229 -7.57 -37.30 -9.56
N ARG B 230 -6.41 -37.35 -8.90
CA ARG B 230 -6.04 -38.54 -8.16
C ARG B 230 -6.65 -38.53 -6.76
N GLN B 231 -6.44 -37.46 -6.01
CA GLN B 231 -6.90 -37.37 -4.63
C GLN B 231 -7.53 -36.01 -4.39
N THR B 232 -8.43 -35.97 -3.41
CA THR B 232 -9.07 -34.73 -2.97
C THR B 232 -8.89 -34.59 -1.47
N PHE B 233 -8.45 -33.42 -1.03
CA PHE B 233 -8.12 -33.15 0.36
C PHE B 233 -8.98 -32.01 0.87
N THR B 234 -9.62 -32.24 2.01
CA THR B 234 -10.48 -31.26 2.66
C THR B 234 -9.99 -31.03 4.08
N GLY B 235 -10.64 -30.09 4.76
CA GLY B 235 -10.29 -29.75 6.13
C GLY B 235 -10.28 -28.25 6.38
N HIS B 236 -9.89 -27.48 5.37
CA HIS B 236 -9.94 -26.03 5.48
C HIS B 236 -11.39 -25.56 5.51
N GLU B 237 -11.64 -24.51 6.29
CA GLU B 237 -12.97 -23.95 6.45
C GLU B 237 -13.24 -22.77 5.53
N SER B 238 -12.29 -22.41 4.66
CA SER B 238 -12.47 -21.25 3.79
C SER B 238 -11.60 -21.45 2.55
N ASP B 239 -11.65 -20.46 1.66
CA ASP B 239 -10.96 -20.56 0.37
C ASP B 239 -9.46 -20.72 0.56
N ILE B 240 -8.89 -21.66 -0.17
CA ILE B 240 -7.44 -21.91 -0.14
C ILE B 240 -6.79 -20.98 -1.16
N ASN B 241 -5.90 -20.11 -0.67
CA ASN B 241 -5.26 -19.12 -1.52
C ASN B 241 -3.86 -19.53 -1.97
N ALA B 242 -3.19 -20.39 -1.23
CA ALA B 242 -1.82 -20.78 -1.55
C ALA B 242 -1.65 -22.28 -1.37
N ILE B 243 -0.72 -22.85 -2.15
CA ILE B 243 -0.42 -24.27 -2.09
C ILE B 243 1.04 -24.46 -2.50
N CYS B 244 1.67 -25.48 -1.92
CA CYS B 244 3.08 -25.74 -2.16
C CYS B 244 3.41 -27.18 -1.83
N PHE B 245 4.16 -27.83 -2.71
CA PHE B 245 4.68 -29.16 -2.43
C PHE B 245 5.81 -29.16 -1.42
N PHE B 246 5.88 -30.21 -0.62
CA PHE B 246 7.06 -30.53 0.15
C PHE B 246 8.20 -30.86 -0.80
N PRO B 247 9.45 -30.59 -0.40
CA PRO B 247 10.58 -30.91 -1.29
C PRO B 247 10.63 -32.38 -1.71
N ASN B 248 10.12 -33.28 -0.87
CA ASN B 248 10.06 -34.68 -1.24
C ASN B 248 9.04 -34.92 -2.35
N GLY B 249 8.02 -34.08 -2.46
CA GLY B 249 6.95 -34.30 -3.40
C GLY B 249 5.87 -35.24 -2.93
N ASN B 250 5.98 -35.77 -1.72
CA ASN B 250 5.01 -36.71 -1.17
C ASN B 250 4.01 -36.02 -0.23
N ALA B 251 4.09 -34.71 -0.09
CA ALA B 251 3.19 -33.97 0.78
C ALA B 251 3.11 -32.53 0.28
N PHE B 252 2.11 -31.81 0.76
CA PHE B 252 1.95 -30.41 0.36
C PHE B 252 1.31 -29.63 1.50
N ALA B 253 1.43 -28.30 1.40
CA ALA B 253 0.88 -27.39 2.39
C ALA B 253 -0.08 -26.41 1.72
N THR B 254 -1.15 -26.09 2.43
CA THR B 254 -2.19 -25.19 1.94
C THR B 254 -2.43 -24.09 2.95
N GLY B 255 -2.44 -22.84 2.49
CA GLY B 255 -2.85 -21.71 3.30
C GLY B 255 -4.17 -21.18 2.77
N SER B 256 -5.08 -20.84 3.69
CA SER B 256 -6.44 -20.49 3.31
C SER B 256 -6.86 -19.19 3.97
N ASP B 257 -8.12 -18.80 3.74
CA ASP B 257 -8.64 -17.55 4.27
C ASP B 257 -8.78 -17.59 5.78
N ASP B 258 -9.01 -18.77 6.36
CA ASP B 258 -8.87 -18.88 7.81
C ASP B 258 -7.39 -18.83 8.18
N ALA B 259 -7.14 -18.62 9.47
CA ALA B 259 -5.79 -18.31 9.93
C ALA B 259 -4.89 -19.53 10.05
N THR B 260 -5.22 -20.64 9.40
CA THR B 260 -4.49 -21.88 9.55
C THR B 260 -3.90 -22.33 8.22
N CYS B 261 -2.67 -22.83 8.28
CA CYS B 261 -2.11 -23.67 7.23
C CYS B 261 -2.38 -25.13 7.55
N ARG B 262 -2.35 -25.97 6.53
CA ARG B 262 -2.54 -27.40 6.74
C ARG B 262 -1.59 -28.17 5.84
N LEU B 263 -0.90 -29.14 6.43
CA LEU B 263 -0.01 -30.04 5.72
C LEU B 263 -0.73 -31.37 5.50
N PHE B 264 -0.91 -31.73 4.23
CA PHE B 264 -1.52 -32.98 3.80
C PHE B 264 -0.45 -33.89 3.21
N ASP B 265 -0.69 -35.19 3.31
CA ASP B 265 0.21 -36.20 2.74
C ASP B 265 -0.52 -36.99 1.66
N LEU B 266 0.13 -37.16 0.52
CA LEU B 266 -0.51 -37.82 -0.62
C LEU B 266 -0.71 -39.31 -0.35
N ARG B 267 0.31 -39.99 0.17
CA ARG B 267 0.21 -41.43 0.37
C ARG B 267 -0.84 -41.77 1.43
N ALA B 268 -0.87 -41.00 2.51
CA ALA B 268 -1.88 -41.22 3.55
C ALA B 268 -3.23 -40.61 3.19
N ASP B 269 -3.27 -39.73 2.19
CA ASP B 269 -4.51 -39.08 1.74
C ASP B 269 -5.22 -38.38 2.90
N GLN B 270 -4.44 -37.70 3.74
CA GLN B 270 -4.97 -37.12 4.96
C GLN B 270 -4.20 -35.85 5.31
N GLU B 271 -4.82 -35.02 6.14
CA GLU B 271 -4.17 -33.85 6.70
C GLU B 271 -3.25 -34.29 7.83
N LEU B 272 -1.96 -34.05 7.68
CA LEU B 272 -1.01 -34.43 8.72
C LEU B 272 -0.97 -33.39 9.83
N MET B 273 -0.84 -32.12 9.47
CA MET B 273 -0.55 -31.10 10.47
C MET B 273 -1.39 -29.85 10.20
N THR B 274 -1.62 -29.07 11.25
CA THR B 274 -2.22 -27.76 11.14
C THR B 274 -1.31 -26.73 11.81
N TYR B 275 -1.23 -25.55 11.20
CA TYR B 275 -0.35 -24.47 11.63
C TYR B 275 -1.21 -23.24 11.86
N SER B 276 -1.64 -23.04 13.10
CA SER B 276 -2.53 -21.95 13.45
C SER B 276 -2.15 -21.39 14.81
N HIS B 277 -2.57 -20.16 15.05
CA HIS B 277 -2.34 -19.51 16.34
C HIS B 277 -3.53 -18.62 16.65
N ASP B 278 -3.83 -18.47 17.94
CA ASP B 278 -4.93 -17.59 18.34
C ASP B 278 -4.64 -16.14 17.97
N ASN B 279 -3.38 -15.71 18.11
CA ASN B 279 -3.01 -14.34 17.76
C ASN B 279 -3.14 -14.07 16.28
N ILE B 280 -3.24 -15.11 15.45
CA ILE B 280 -3.41 -14.97 14.00
C ILE B 280 -4.88 -15.15 13.68
N ILE B 281 -5.45 -14.17 12.98
CA ILE B 281 -6.87 -14.23 12.62
C ILE B 281 -7.03 -13.91 11.15
N CYS B 282 -5.97 -13.39 10.52
CA CYS B 282 -6.03 -13.00 9.13
C CYS B 282 -5.80 -14.21 8.22
N GLY B 283 -6.06 -14.01 6.93
CA GLY B 283 -5.86 -15.07 5.96
C GLY B 283 -4.41 -15.23 5.56
N ILE B 284 -4.16 -16.27 4.79
CA ILE B 284 -2.82 -16.63 4.34
C ILE B 284 -2.78 -16.51 2.82
N THR B 285 -1.79 -15.75 2.33
CA THR B 285 -1.68 -15.43 0.91
C THR B 285 -0.68 -16.31 0.18
N SER B 286 0.44 -16.63 0.80
CA SER B 286 1.49 -17.39 0.15
C SER B 286 2.01 -18.46 1.10
N VAL B 287 2.47 -19.56 0.53
CA VAL B 287 3.02 -20.69 1.26
C VAL B 287 4.26 -21.19 0.52
N SER B 288 5.33 -21.46 1.27
CA SER B 288 6.51 -22.07 0.69
C SER B 288 7.28 -22.82 1.76
N PHE B 289 8.01 -23.85 1.32
CA PHE B 289 8.88 -24.62 2.18
C PHE B 289 10.32 -24.19 2.00
N SER B 290 11.13 -24.46 3.03
CA SER B 290 12.57 -24.32 2.89
C SER B 290 13.11 -25.47 2.06
N LYS B 291 14.43 -25.47 1.84
CA LYS B 291 15.03 -26.50 1.00
C LYS B 291 14.84 -27.89 1.60
N SER B 292 15.02 -28.01 2.91
CA SER B 292 14.84 -29.30 3.57
C SER B 292 13.37 -29.63 3.82
N GLY B 293 12.49 -28.64 3.78
CA GLY B 293 11.12 -28.81 4.16
C GLY B 293 10.85 -28.72 5.65
N ARG B 294 11.88 -28.49 6.46
CA ARG B 294 11.67 -28.36 7.90
C ARG B 294 10.93 -27.08 8.24
N LEU B 295 11.18 -26.00 7.49
CA LEU B 295 10.53 -24.72 7.73
C LEU B 295 9.45 -24.50 6.69
N LEU B 296 8.29 -24.04 7.14
CA LEU B 296 7.18 -23.68 6.27
C LEU B 296 6.95 -22.19 6.40
N LEU B 297 7.12 -21.45 5.31
CA LEU B 297 7.02 -20.01 5.31
C LEU B 297 5.67 -19.61 4.71
N ALA B 298 4.90 -18.83 5.46
CA ALA B 298 3.56 -18.42 5.03
C ALA B 298 3.43 -16.91 5.17
N GLY B 299 2.99 -16.25 4.11
CA GLY B 299 2.69 -14.83 4.17
C GLY B 299 1.25 -14.62 4.60
N TYR B 300 1.03 -13.59 5.40
CA TYR B 300 -0.29 -13.35 5.98
C TYR B 300 -0.80 -11.97 5.58
N ASP B 301 -2.07 -11.72 5.92
CA ASP B 301 -2.67 -10.41 5.69
C ASP B 301 -2.27 -9.40 6.76
N ASP B 302 -1.71 -9.85 7.88
CA ASP B 302 -1.31 -8.97 8.96
C ASP B 302 0.05 -8.33 8.73
N PHE B 303 0.49 -8.31 7.47
CA PHE B 303 1.68 -7.61 6.98
C PHE B 303 2.96 -8.36 7.32
N ASN B 304 2.89 -9.65 7.65
CA ASN B 304 4.06 -10.39 8.10
C ASN B 304 4.16 -11.72 7.36
N CYS B 305 5.26 -12.42 7.62
CA CYS B 305 5.45 -13.80 7.22
C CYS B 305 5.80 -14.62 8.45
N ASN B 306 5.22 -15.80 8.57
CA ASN B 306 5.49 -16.68 9.69
C ASN B 306 6.26 -17.90 9.19
N VAL B 307 7.36 -18.20 9.87
CA VAL B 307 8.16 -19.39 9.60
C VAL B 307 7.81 -20.40 10.68
N TRP B 308 7.06 -21.42 10.30
CA TRP B 308 6.66 -22.50 11.20
C TRP B 308 7.64 -23.66 11.10
N ASP B 309 7.82 -24.34 12.21
CA ASP B 309 8.47 -25.66 12.21
C ASP B 309 7.47 -26.64 11.61
N ALA B 310 7.67 -26.98 10.33
CA ALA B 310 6.68 -27.81 9.64
C ALA B 310 6.51 -29.17 10.31
N LEU B 311 7.56 -29.70 10.92
CA LEU B 311 7.46 -30.96 11.63
C LEU B 311 6.77 -30.80 12.98
N LYS B 312 7.02 -29.69 13.67
CA LYS B 312 6.52 -29.49 15.03
C LYS B 312 5.39 -28.47 15.12
N ALA B 313 4.99 -27.86 14.01
CA ALA B 313 3.87 -26.93 13.96
C ALA B 313 4.11 -25.67 14.79
N ASP B 314 5.30 -25.54 15.37
CA ASP B 314 5.64 -24.38 16.16
C ASP B 314 6.06 -23.23 15.27
N ARG B 315 5.65 -22.02 15.64
CA ARG B 315 6.07 -20.82 14.92
C ARG B 315 7.54 -20.54 15.25
N ALA B 316 8.42 -20.84 14.31
CA ALA B 316 9.86 -20.70 14.56
C ALA B 316 10.30 -19.24 14.50
N GLY B 317 9.71 -18.45 13.60
CA GLY B 317 10.16 -17.08 13.45
C GLY B 317 9.16 -16.22 12.72
N VAL B 318 9.43 -14.92 12.72
CA VAL B 318 8.58 -13.94 12.06
C VAL B 318 9.44 -13.06 11.16
N LEU B 319 9.08 -12.98 9.89
CA LEU B 319 9.66 -12.05 8.94
C LEU B 319 8.76 -10.83 8.88
N ALA B 320 9.22 -9.73 9.46
CA ALA B 320 8.46 -8.48 9.50
C ALA B 320 9.27 -7.38 8.83
N GLY B 321 8.57 -6.43 8.23
CA GLY B 321 9.23 -5.38 7.47
C GLY B 321 8.45 -4.94 6.24
N HIS B 322 7.30 -5.56 6.01
CA HIS B 322 6.40 -5.16 4.94
C HIS B 322 5.26 -4.33 5.55
N ASP B 323 5.10 -3.10 5.06
CA ASP B 323 4.07 -2.22 5.58
C ASP B 323 2.67 -2.60 5.14
N ASN B 324 2.54 -3.48 4.15
CA ASN B 324 1.24 -3.95 3.67
C ASN B 324 1.24 -5.47 3.63
N ARG B 325 0.15 -6.03 3.11
CA ARG B 325 -0.05 -7.47 3.12
C ARG B 325 1.01 -8.17 2.27
N VAL B 326 1.59 -9.22 2.82
CA VAL B 326 2.54 -10.05 2.07
C VAL B 326 1.75 -10.90 1.09
N SER B 327 1.83 -10.55 -0.20
CA SER B 327 1.01 -11.21 -1.21
C SER B 327 1.65 -12.45 -1.79
N CYS B 328 2.97 -12.59 -1.68
CA CYS B 328 3.68 -13.67 -2.35
C CYS B 328 5.03 -13.86 -1.70
N LEU B 329 5.50 -15.11 -1.70
CA LEU B 329 6.84 -15.40 -1.21
C LEU B 329 7.33 -16.70 -1.82
N GLY B 330 8.63 -16.79 -2.02
CA GLY B 330 9.25 -17.98 -2.58
C GLY B 330 10.63 -18.18 -1.99
N VAL B 331 11.13 -19.41 -2.15
CA VAL B 331 12.43 -19.81 -1.66
C VAL B 331 13.28 -20.24 -2.85
N THR B 332 14.56 -19.87 -2.82
CA THR B 332 15.46 -20.22 -3.91
C THR B 332 15.63 -21.74 -3.99
N ASP B 333 16.05 -22.20 -5.18
CA ASP B 333 16.25 -23.63 -5.38
C ASP B 333 17.37 -24.18 -4.52
N ASP B 334 18.38 -23.36 -4.21
CA ASP B 334 19.43 -23.75 -3.29
C ASP B 334 19.10 -23.40 -1.84
N GLY B 335 17.98 -22.74 -1.60
CA GLY B 335 17.55 -22.44 -0.25
C GLY B 335 18.31 -21.34 0.45
N MET B 336 19.10 -20.55 -0.29
CA MET B 336 19.93 -19.54 0.35
C MET B 336 19.10 -18.39 0.90
N ALA B 337 18.03 -18.02 0.21
CA ALA B 337 17.27 -16.82 0.54
C ALA B 337 15.79 -17.07 0.36
N VAL B 338 14.99 -16.16 0.93
CA VAL B 338 13.55 -16.15 0.76
C VAL B 338 13.14 -14.77 0.29
N ALA B 339 12.42 -14.69 -0.83
CA ALA B 339 11.94 -13.43 -1.34
C ALA B 339 10.45 -13.30 -1.07
N THR B 340 10.06 -12.22 -0.40
CA THR B 340 8.66 -11.92 -0.12
C THR B 340 8.30 -10.60 -0.77
N GLY B 341 7.31 -10.62 -1.64
CA GLY B 341 6.74 -9.39 -2.16
C GLY B 341 5.51 -8.99 -1.37
N SER B 342 5.20 -7.70 -1.40
CA SER B 342 4.07 -7.23 -0.62
C SER B 342 3.28 -6.20 -1.39
N TRP B 343 2.08 -5.91 -0.88
CA TRP B 343 1.22 -4.89 -1.46
C TRP B 343 1.79 -3.48 -1.32
N ASP B 344 2.80 -3.30 -0.50
CA ASP B 344 3.47 -2.00 -0.37
C ASP B 344 4.45 -1.73 -1.50
N SER B 345 4.36 -2.49 -2.60
CA SER B 345 5.21 -2.32 -3.78
C SER B 345 6.67 -2.62 -3.49
N PHE B 346 6.95 -3.56 -2.58
CA PHE B 346 8.33 -3.86 -2.21
C PHE B 346 8.55 -5.36 -2.16
N LEU B 347 9.73 -5.76 -2.63
CA LEU B 347 10.23 -7.13 -2.52
C LEU B 347 11.40 -7.14 -1.55
N LYS B 348 11.37 -8.05 -0.58
CA LYS B 348 12.42 -8.17 0.42
C LYS B 348 13.02 -9.57 0.34
N ILE B 349 14.34 -9.63 0.27
CA ILE B 349 15.08 -10.89 0.27
C ILE B 349 15.66 -11.09 1.66
N TRP B 350 15.53 -12.30 2.19
CA TRP B 350 15.86 -12.59 3.57
C TRP B 350 16.83 -13.76 3.65
N ASN B 351 17.78 -13.65 4.57
CA ASN B 351 18.70 -14.72 4.87
C ASN B 351 18.68 -15.04 6.36
N ALA C 7 -28.06 -33.26 -17.45
CA ALA C 7 -27.41 -32.14 -16.79
C ALA C 7 -27.02 -32.50 -15.35
N SER C 8 -28.00 -32.44 -14.45
CA SER C 8 -27.76 -32.80 -13.07
C SER C 8 -27.42 -34.28 -12.93
N ILE C 9 -28.11 -35.13 -13.70
CA ILE C 9 -27.85 -36.57 -13.63
C ILE C 9 -26.44 -36.88 -14.11
N ALA C 10 -26.02 -36.26 -15.21
CA ALA C 10 -24.67 -36.49 -15.72
C ALA C 10 -23.62 -36.03 -14.73
N GLN C 11 -23.82 -34.86 -14.12
CA GLN C 11 -22.86 -34.36 -13.14
C GLN C 11 -22.80 -35.26 -11.92
N ALA C 12 -23.95 -35.76 -11.46
CA ALA C 12 -23.97 -36.67 -10.33
C ALA C 12 -23.26 -37.98 -10.65
N ARG C 13 -23.48 -38.51 -11.86
CA ARG C 13 -22.79 -39.73 -12.27
C ARG C 13 -21.27 -39.51 -12.35
N LYS C 14 -20.86 -38.37 -12.89
CA LYS C 14 -19.43 -38.07 -12.95
C LYS C 14 -18.83 -37.96 -11.56
N LEU C 15 -19.55 -37.30 -10.63
CA LEU C 15 -19.06 -37.17 -9.27
C LEU C 15 -18.97 -38.54 -8.59
N VAL C 16 -19.96 -39.40 -8.83
CA VAL C 16 -19.93 -40.74 -8.25
C VAL C 16 -18.74 -41.54 -8.79
N GLU C 17 -18.49 -41.45 -10.10
CA GLU C 17 -17.36 -42.14 -10.68
C GLU C 17 -16.04 -41.62 -10.13
N GLN C 18 -15.92 -40.30 -9.96
CA GLN C 18 -14.71 -39.72 -9.40
C GLN C 18 -14.51 -40.16 -7.95
N LEU C 19 -15.59 -40.20 -7.17
CA LEU C 19 -15.48 -40.64 -5.78
C LEU C 19 -15.09 -42.11 -5.71
N LYS C 20 -15.62 -42.93 -6.60
CA LYS C 20 -15.23 -44.33 -6.64
C LYS C 20 -13.76 -44.48 -7.01
N MET C 21 -13.29 -43.68 -7.97
CA MET C 21 -11.88 -43.74 -8.36
C MET C 21 -10.98 -43.30 -7.20
N GLU C 22 -11.37 -42.25 -6.49
CA GLU C 22 -10.58 -41.75 -5.36
C GLU C 22 -10.78 -42.58 -4.10
N ALA C 23 -11.71 -43.54 -4.10
CA ALA C 23 -11.97 -44.36 -2.92
C ALA C 23 -11.10 -45.60 -2.87
N ASN C 24 -10.91 -46.28 -4.01
CA ASN C 24 -10.15 -47.52 -4.05
C ASN C 24 -8.70 -47.23 -4.44
N ILE C 25 -8.00 -46.56 -3.53
CA ILE C 25 -6.58 -46.28 -3.68
C ILE C 25 -5.85 -46.81 -2.47
N ASP C 26 -4.55 -47.07 -2.65
CA ASP C 26 -3.73 -47.63 -1.59
C ASP C 26 -3.26 -46.51 -0.68
N ARG C 27 -3.73 -46.51 0.56
CA ARG C 27 -3.34 -45.52 1.56
C ARG C 27 -2.40 -46.18 2.56
N ILE C 28 -1.26 -45.55 2.80
CA ILE C 28 -0.33 -46.02 3.80
C ILE C 28 -0.68 -45.38 5.14
N LYS C 29 -0.16 -45.98 6.22
CA LYS C 29 -0.45 -45.47 7.55
C LYS C 29 0.14 -44.07 7.72
N VAL C 30 -0.56 -43.25 8.51
CA VAL C 30 -0.08 -41.89 8.78
C VAL C 30 1.24 -41.92 9.51
N SER C 31 1.46 -42.91 10.38
CA SER C 31 2.73 -43.02 11.09
C SER C 31 3.89 -43.21 10.12
N LYS C 32 3.71 -44.10 9.13
CA LYS C 32 4.79 -44.34 8.17
C LYS C 32 5.07 -43.11 7.32
N ALA C 33 4.02 -42.42 6.86
CA ALA C 33 4.21 -41.22 6.05
C ALA C 33 4.87 -40.11 6.84
N ALA C 34 4.46 -39.94 8.10
CA ALA C 34 5.09 -38.94 8.96
C ALA C 34 6.55 -39.28 9.23
N ALA C 35 6.85 -40.56 9.43
CA ALA C 35 8.25 -40.97 9.62
C ALA C 35 9.07 -40.69 8.37
N ASP C 36 8.50 -40.94 7.20
CA ASP C 36 9.21 -40.65 5.96
C ASP C 36 9.45 -39.15 5.80
N LEU C 37 8.45 -38.33 6.14
CA LEU C 37 8.61 -36.88 6.06
C LEU C 37 9.70 -36.40 7.02
N MET C 38 9.69 -36.92 8.25
CA MET C 38 10.72 -36.57 9.23
C MET C 38 12.10 -37.01 8.77
N ALA C 39 12.20 -38.20 8.18
CA ALA C 39 13.47 -38.68 7.67
C ALA C 39 13.99 -37.80 6.54
N TYR C 40 13.10 -37.37 5.65
CA TYR C 40 13.51 -36.46 4.59
C TYR C 40 14.02 -35.14 5.16
N CYS C 41 13.32 -34.63 6.17
CA CYS C 41 13.79 -33.39 6.79
C CYS C 41 15.15 -33.58 7.44
N GLU C 42 15.36 -34.71 8.12
CA GLU C 42 16.63 -34.96 8.81
C GLU C 42 17.77 -35.13 7.83
N ALA C 43 17.51 -35.79 6.69
CA ALA C 43 18.58 -36.03 5.72
C ALA C 43 19.10 -34.74 5.11
N HIS C 44 18.22 -33.78 4.84
CA HIS C 44 18.56 -32.55 4.17
C HIS C 44 18.73 -31.38 5.13
N ALA C 45 18.85 -31.65 6.43
CA ALA C 45 18.98 -30.58 7.41
C ALA C 45 20.27 -29.80 7.22
N LYS C 46 21.38 -30.49 6.93
CA LYS C 46 22.66 -29.81 6.77
C LYS C 46 22.74 -29.01 5.48
N GLU C 47 21.92 -29.34 4.48
CA GLU C 47 21.94 -28.66 3.19
C GLU C 47 20.92 -27.53 3.11
N ASP C 48 20.22 -27.22 4.18
CA ASP C 48 19.24 -26.15 4.18
C ASP C 48 19.87 -24.89 4.74
N PRO C 49 20.10 -23.85 3.91
CA PRO C 49 20.75 -22.63 4.42
C PRO C 49 19.89 -21.81 5.35
N LEU C 50 18.59 -22.10 5.47
CA LEU C 50 17.73 -21.32 6.36
C LEU C 50 17.64 -21.91 7.76
N LEU C 51 17.84 -23.22 7.90
CA LEU C 51 17.87 -23.81 9.24
C LEU C 51 19.05 -23.28 10.04
N THR C 52 20.24 -23.29 9.44
CA THR C 52 21.44 -22.79 10.07
C THR C 52 22.05 -21.69 9.23
N PRO C 53 22.51 -20.59 9.83
CA PRO C 53 23.06 -19.49 9.03
C PRO C 53 24.33 -19.91 8.30
N VAL C 54 24.32 -19.73 6.99
CA VAL C 54 25.52 -20.00 6.18
C VAL C 54 26.57 -18.95 6.50
N PRO C 55 27.87 -19.30 6.53
CA PRO C 55 28.90 -18.29 6.77
C PRO C 55 28.83 -17.17 5.73
N ALA C 56 29.14 -15.95 6.18
CA ALA C 56 29.05 -14.79 5.31
C ALA C 56 29.97 -14.90 4.10
N SER C 57 31.07 -15.64 4.24
CA SER C 57 31.96 -15.85 3.10
C SER C 57 31.25 -16.62 1.98
N GLU C 58 30.44 -17.62 2.35
CA GLU C 58 29.69 -18.41 1.39
C GLU C 58 28.30 -17.85 1.12
N ASN C 59 27.96 -16.71 1.70
CA ASN C 59 26.63 -16.13 1.55
C ASN C 59 26.63 -15.16 0.38
N PRO C 60 25.87 -15.40 -0.69
CA PRO C 60 25.83 -14.46 -1.82
C PRO C 60 25.02 -13.20 -1.54
N PHE C 61 24.29 -13.15 -0.43
CA PHE C 61 23.46 -12.00 -0.09
C PHE C 61 24.03 -11.20 1.07
N ARG C 62 25.32 -11.33 1.34
CA ARG C 62 25.97 -10.59 2.42
C ARG C 62 25.99 -9.10 2.13
N ASN D 180 12.89 43.26 34.26
CA ASN D 180 12.81 43.36 35.71
C ASN D 180 13.62 42.26 36.35
N LEU D 181 13.11 41.73 37.46
CA LEU D 181 13.71 40.58 38.13
C LEU D 181 12.79 39.37 38.14
N LEU D 182 11.47 39.57 38.10
CA LEU D 182 10.51 38.49 38.11
C LEU D 182 9.80 38.34 36.77
N ILE D 183 10.43 38.78 35.68
CA ILE D 183 9.87 38.63 34.36
C ILE D 183 10.74 37.69 33.52
N THR D 184 12.01 38.05 33.31
CA THR D 184 12.90 37.26 32.49
C THR D 184 13.70 36.23 33.30
N GLN D 185 13.61 36.26 34.62
CA GLN D 185 14.33 35.33 35.46
C GLN D 185 13.43 34.38 36.23
N GLN D 186 12.21 34.78 36.56
CA GLN D 186 11.29 33.94 37.32
C GLN D 186 10.00 33.62 36.59
N ILE D 187 9.76 34.18 35.40
CA ILE D 187 8.54 33.92 34.65
C ILE D 187 8.87 33.41 33.27
N ILE D 188 9.67 34.17 32.52
CA ILE D 188 10.07 33.72 31.18
C ILE D 188 10.71 32.35 31.21
N PRO D 189 11.62 32.03 32.14
CA PRO D 189 12.12 30.64 32.21
C PRO D 189 11.03 29.61 32.47
N VAL D 190 9.99 29.96 33.24
CA VAL D 190 8.93 29.00 33.52
C VAL D 190 8.14 28.70 32.26
N LEU D 191 7.78 29.74 31.49
CA LEU D 191 7.08 29.52 30.23
C LEU D 191 7.96 28.78 29.22
N TYR D 192 9.27 29.07 29.22
CA TYR D 192 10.18 28.29 28.40
C TYR D 192 10.20 26.82 28.82
N CYS D 193 10.15 26.54 30.12
CA CYS D 193 10.09 25.15 30.57
C CYS D 193 8.81 24.47 30.11
N MET D 194 7.68 25.17 30.21
CA MET D 194 6.41 24.61 29.77
C MET D 194 6.44 24.28 28.28
N VAL D 195 6.85 25.25 27.46
CA VAL D 195 6.92 24.99 26.02
C VAL D 195 7.97 23.93 25.72
N PHE D 196 9.04 23.88 26.51
CA PHE D 196 10.08 22.89 26.30
C PHE D 196 9.54 21.49 26.48
N ILE D 197 8.84 21.24 27.58
CA ILE D 197 8.30 19.90 27.82
C ILE D 197 7.24 19.57 26.77
N ALA D 198 6.28 20.48 26.57
CA ALA D 198 5.19 20.22 25.64
C ALA D 198 5.65 20.15 24.19
N GLY D 199 6.89 20.56 23.90
CA GLY D 199 7.43 20.37 22.57
C GLY D 199 8.30 19.14 22.48
N ILE D 200 9.12 18.89 23.50
CA ILE D 200 10.06 17.77 23.46
C ILE D 200 9.31 16.46 23.46
N LEU D 201 8.25 16.34 24.27
CA LEU D 201 7.50 15.07 24.29
C LEU D 201 6.90 14.77 22.92
N LEU D 202 6.16 15.73 22.38
CA LEU D 202 5.50 15.54 21.09
C LEU D 202 6.50 15.31 19.97
N ASN D 203 7.61 16.06 19.98
CA ASN D 203 8.57 15.94 18.89
C ASN D 203 9.43 14.68 19.02
N GLY D 204 9.69 14.21 20.23
CA GLY D 204 10.34 12.91 20.37
C GLY D 204 9.46 11.78 19.90
N VAL D 205 8.17 11.83 20.25
CA VAL D 205 7.23 10.83 19.73
C VAL D 205 7.17 10.92 18.21
N SER D 206 7.14 12.14 17.68
CA SER D 206 7.07 12.34 16.23
C SER D 206 8.32 11.83 15.53
N GLY D 207 9.50 12.02 16.13
CA GLY D 207 10.72 11.46 15.57
C GLY D 207 10.75 9.95 15.66
N TRP D 208 10.19 9.39 16.72
CA TRP D 208 10.04 7.94 16.82
C TRP D 208 9.17 7.41 15.69
N ILE D 209 8.07 8.10 15.39
CA ILE D 209 7.16 7.66 14.35
C ILE D 209 7.74 7.87 12.97
N PHE D 210 8.38 9.01 12.73
CA PHE D 210 8.80 9.41 11.39
C PHE D 210 9.93 8.55 10.85
N PHE D 211 10.70 7.89 11.72
CA PHE D 211 11.75 6.99 11.22
C PHE D 211 11.17 5.79 10.51
N TYR D 212 9.92 5.43 10.82
CA TYR D 212 9.23 4.35 10.12
C TYR D 212 8.46 4.83 8.90
N VAL D 213 8.07 6.10 8.88
CA VAL D 213 7.31 6.66 7.75
C VAL D 213 8.26 6.85 6.57
N PRO D 214 7.99 6.22 5.43
CA PRO D 214 8.86 6.41 4.27
C PRO D 214 8.71 7.80 3.67
N SER D 215 9.78 8.27 3.02
CA SER D 215 9.78 9.57 2.37
C SER D 215 9.33 9.44 0.91
N SER D 216 8.06 9.05 0.75
CA SER D 216 7.48 8.86 -0.58
C SER D 216 7.12 10.18 -1.26
N LYS D 217 7.08 11.28 -0.52
CA LYS D 217 6.73 12.57 -1.09
C LYS D 217 7.53 13.67 -0.39
N SER D 218 7.64 14.81 -1.06
CA SER D 218 8.39 15.94 -0.51
C SER D 218 7.78 16.45 0.78
N PHE D 219 6.46 16.32 0.93
CA PHE D 219 5.79 16.76 2.15
C PHE D 219 6.31 16.01 3.36
N ILE D 220 6.49 14.69 3.22
CA ILE D 220 6.99 13.88 4.33
C ILE D 220 8.45 14.25 4.63
N ILE D 221 9.24 14.53 3.59
CA ILE D 221 10.63 14.94 3.81
C ILE D 221 10.69 16.24 4.59
N TYR D 222 9.86 17.21 4.22
CA TYR D 222 9.87 18.48 4.93
C TYR D 222 9.36 18.32 6.36
N LEU D 223 8.39 17.44 6.56
CA LEU D 223 7.93 17.16 7.92
C LEU D 223 9.02 16.51 8.75
N LYS D 224 9.82 15.63 8.13
CA LYS D 224 10.94 15.03 8.84
C LYS D 224 11.96 16.09 9.24
N ASN D 225 12.29 16.99 8.32
CA ASN D 225 13.23 18.06 8.64
C ASN D 225 12.68 18.98 9.72
N ILE D 226 11.38 19.21 9.70
CA ILE D 226 10.75 20.05 10.72
C ILE D 226 10.78 19.35 12.07
N VAL D 227 10.59 18.03 12.08
CA VAL D 227 10.74 17.27 13.32
C VAL D 227 12.16 17.42 13.86
N ILE D 228 13.16 17.32 12.98
CA ILE D 228 14.55 17.47 13.41
C ILE D 228 14.78 18.85 14.00
N ALA D 229 14.32 19.89 13.30
CA ALA D 229 14.53 21.25 13.75
C ALA D 229 13.83 21.52 15.08
N ASP D 230 12.60 21.03 15.24
CA ASP D 230 11.87 21.25 16.47
C ASP D 230 12.51 20.48 17.62
N PHE D 231 13.04 19.28 17.36
CA PHE D 231 13.76 18.55 18.39
C PHE D 231 15.02 19.28 18.82
N VAL D 232 15.75 19.87 17.87
CA VAL D 232 16.94 20.63 18.22
C VAL D 232 16.56 21.87 19.03
N MET D 233 15.48 22.55 18.65
CA MET D 233 15.03 23.70 19.42
C MET D 233 14.64 23.30 20.83
N SER D 234 13.95 22.17 20.98
CA SER D 234 13.57 21.70 22.30
C SER D 234 14.79 21.30 23.11
N LEU D 235 15.84 20.81 22.46
CA LEU D 235 17.08 20.52 23.18
C LEU D 235 17.80 21.78 23.61
N THR D 236 17.69 22.85 22.81
CA THR D 236 18.30 24.12 23.21
C THR D 236 17.51 24.79 24.34
N PHE D 237 16.22 24.51 24.44
CA PHE D 237 15.40 25.18 25.43
C PHE D 237 15.90 25.05 26.87
N PRO D 238 16.34 23.88 27.37
CA PRO D 238 16.83 23.83 28.76
C PRO D 238 17.97 24.78 29.04
N PHE D 239 18.88 24.99 28.09
CA PHE D 239 19.94 25.96 28.27
C PHE D 239 19.35 27.35 28.47
N LYS D 240 18.36 27.71 27.70
CA LYS D 240 17.78 29.00 27.93
C LYS D 240 17.24 28.99 29.31
N ILE D 241 16.32 28.10 29.59
CA ILE D 241 15.61 28.12 30.86
C ILE D 241 16.59 28.33 31.99
N LEU D 242 17.57 27.43 32.11
CA LEU D 242 18.51 27.50 33.22
C LEU D 242 19.31 28.80 33.19
N GLY D 243 20.06 29.04 32.10
CA GLY D 243 20.93 30.20 32.05
C GLY D 243 20.20 31.51 32.24
N ASP D 244 19.00 31.64 31.67
CA ASP D 244 18.19 32.82 31.89
C ASP D 244 17.79 32.93 33.36
N SER D 245 17.40 31.82 33.98
CA SER D 245 17.04 31.87 35.38
C SER D 245 18.27 31.98 36.28
N GLY D 246 19.21 31.05 36.15
CA GLY D 246 20.36 31.02 37.04
C GLY D 246 21.56 30.39 36.39
N LEU D 247 22.73 30.73 36.94
CA LEU D 247 24.00 30.32 36.36
C LEU D 247 24.69 29.33 37.30
N GLY D 248 25.19 28.21 36.75
CA GLY D 248 26.16 27.43 37.48
C GLY D 248 27.51 28.10 37.57
N PRO D 249 28.28 28.15 36.49
CA PRO D 249 29.18 29.28 36.27
C PRO D 249 28.52 30.29 35.34
N TRP D 250 29.13 31.45 35.13
CA TRP D 250 28.70 32.32 34.04
C TRP D 250 28.81 31.63 32.69
N GLN D 251 29.48 30.47 32.66
CA GLN D 251 29.63 29.72 31.42
C GLN D 251 28.27 29.37 30.82
N LEU D 252 27.26 29.15 31.66
CA LEU D 252 25.92 28.87 31.13
C LEU D 252 25.41 30.04 30.31
N ASN D 253 25.55 31.26 30.83
CA ASN D 253 25.03 32.42 30.11
C ASN D 253 25.85 32.72 28.85
N VAL D 254 27.18 32.66 28.96
CA VAL D 254 28.00 32.93 27.77
C VAL D 254 27.82 31.83 26.75
N PHE D 255 27.46 30.62 27.19
CA PHE D 255 27.22 29.51 26.28
C PHE D 255 25.87 29.65 25.60
N VAL D 256 24.86 30.11 26.33
CA VAL D 256 23.57 30.39 25.73
C VAL D 256 23.71 31.47 24.67
N CYS D 257 24.50 32.50 24.96
CA CYS D 257 24.83 33.48 23.93
C CYS D 257 25.57 32.83 22.76
N ARG D 258 26.52 31.93 23.05
CA ARG D 258 27.44 31.45 22.03
C ARG D 258 26.81 30.33 21.19
N VAL D 259 26.28 29.30 21.84
CA VAL D 259 25.92 28.06 21.17
C VAL D 259 24.42 27.89 21.06
N SER D 260 23.71 27.86 22.19
CA SER D 260 22.31 27.46 22.18
C SER D 260 21.45 28.41 21.37
N ALA D 261 21.67 29.72 21.52
CA ALA D 261 20.83 30.68 20.82
C ALA D 261 21.02 30.60 19.30
N VAL D 262 22.25 30.43 18.84
CA VAL D 262 22.49 30.33 17.40
C VAL D 262 21.81 29.10 16.82
N LEU D 263 21.93 27.95 17.51
CA LEU D 263 21.27 26.74 17.05
C LEU D 263 19.75 26.91 17.05
N PHE D 264 19.21 27.53 18.09
CA PHE D 264 17.77 27.76 18.16
C PHE D 264 17.30 28.63 17.00
N TYR D 265 18.03 29.71 16.72
CA TYR D 265 17.64 30.61 15.65
C TYR D 265 17.74 29.94 14.29
N VAL D 266 18.82 29.19 14.05
CA VAL D 266 18.98 28.55 12.75
C VAL D 266 17.92 27.48 12.55
N ASN D 267 17.55 26.76 13.61
CA ASN D 267 16.49 25.77 13.48
C ASN D 267 15.12 26.43 13.33
N MET D 268 14.91 27.58 13.97
CA MET D 268 13.67 28.31 13.80
C MET D 268 13.50 28.77 12.35
N TYR D 269 14.57 29.30 11.76
CA TYR D 269 14.45 29.78 10.38
C TYR D 269 14.42 28.62 9.39
N VAL D 270 15.06 27.49 9.73
CA VAL D 270 14.88 26.27 8.95
C VAL D 270 13.43 25.83 8.97
N SER D 271 12.79 25.88 10.13
CA SER D 271 11.39 25.53 10.23
C SER D 271 10.53 26.49 9.42
N ILE D 272 10.87 27.79 9.45
CA ILE D 272 10.10 28.78 8.70
C ILE D 272 10.18 28.51 7.20
N VAL D 273 11.41 28.31 6.70
CA VAL D 273 11.56 28.09 5.27
C VAL D 273 10.97 26.75 4.86
N PHE D 274 10.95 25.76 5.76
CA PHE D 274 10.31 24.50 5.43
C PHE D 274 8.79 24.62 5.43
N PHE D 275 8.25 25.48 6.29
CA PHE D 275 6.83 25.82 6.19
C PHE D 275 6.53 26.45 4.85
N GLY D 276 7.41 27.33 4.39
CA GLY D 276 7.25 27.92 3.07
C GLY D 276 7.32 26.88 1.95
N LEU D 277 8.25 25.93 2.07
CA LEU D 277 8.36 24.87 1.07
C LEU D 277 7.13 23.97 1.06
N ILE D 278 6.60 23.65 2.25
CA ILE D 278 5.37 22.89 2.33
C ILE D 278 4.22 23.65 1.68
N SER D 279 4.16 24.96 1.93
CA SER D 279 3.14 25.79 1.30
C SER D 279 3.27 25.75 -0.22
N PHE D 280 4.50 25.80 -0.73
CA PHE D 280 4.68 25.80 -2.18
C PHE D 280 4.32 24.45 -2.79
N ASP D 281 4.68 23.35 -2.13
CA ASP D 281 4.27 22.05 -2.67
C ASP D 281 2.76 21.86 -2.60
N ARG D 282 2.11 22.35 -1.55
CA ARG D 282 0.66 22.29 -1.51
C ARG D 282 0.05 23.11 -2.63
N TYR D 283 0.61 24.29 -2.91
CA TYR D 283 0.13 25.09 -4.03
C TYR D 283 0.31 24.35 -5.34
N TYR D 284 1.50 23.77 -5.55
CA TYR D 284 1.79 23.07 -6.80
C TYR D 284 0.87 21.87 -7.00
N LYS D 285 0.59 21.13 -5.93
CA LYS D 285 -0.25 19.95 -6.05
C LYS D 285 -1.72 20.32 -6.20
N ILE D 286 -2.28 21.01 -5.20
CA ILE D 286 -3.71 21.31 -5.20
C ILE D 286 -4.07 22.24 -6.36
N VAL D 287 -3.35 23.35 -6.49
CA VAL D 287 -3.72 24.34 -7.51
C VAL D 287 -3.41 23.82 -8.91
N LYS D 288 -2.29 23.12 -9.07
CA LYS D 288 -1.78 22.71 -10.38
C LYS D 288 -1.62 23.95 -11.25
N PRO D 289 -0.64 24.80 -10.95
CA PRO D 289 -0.61 26.14 -11.55
C PRO D 289 -0.22 26.18 -13.01
N LEU D 290 -0.07 27.39 -13.53
CA LEU D 290 0.33 27.62 -14.91
C LEU D 290 1.82 27.35 -15.15
N TRP D 291 2.54 26.85 -14.15
CA TRP D 291 3.94 26.47 -14.33
C TRP D 291 4.10 25.13 -15.01
N THR D 292 3.07 24.63 -15.67
CA THR D 292 3.19 23.42 -16.47
C THR D 292 4.20 23.65 -17.59
N SER D 293 4.84 22.56 -18.01
CA SER D 293 6.02 22.50 -18.87
C SER D 293 7.27 22.90 -18.10
N PHE D 294 7.14 23.31 -16.84
CA PHE D 294 8.27 23.50 -15.94
C PHE D 294 8.19 22.45 -14.83
N ILE D 295 9.35 21.94 -14.42
CA ILE D 295 9.39 20.86 -13.44
C ILE D 295 8.85 21.33 -12.10
N GLN D 296 9.09 22.60 -11.76
CA GLN D 296 8.68 23.20 -10.48
C GLN D 296 9.35 22.40 -9.37
N SER D 297 8.64 22.03 -8.30
CA SER D 297 9.22 21.29 -7.19
C SER D 297 8.62 19.89 -7.18
N VAL D 298 9.23 18.99 -7.95
CA VAL D 298 8.83 17.60 -8.01
C VAL D 298 10.09 16.75 -7.90
N SER D 299 10.10 15.84 -6.91
CA SER D 299 11.24 14.96 -6.64
C SER D 299 12.49 15.75 -6.29
N TYR D 300 13.60 15.05 -6.03
CA TYR D 300 14.88 15.62 -5.62
C TYR D 300 14.73 16.68 -4.53
N SER D 301 13.70 16.54 -3.70
CA SER D 301 13.50 17.48 -2.60
C SER D 301 14.50 17.27 -1.47
N LYS D 302 15.13 16.10 -1.41
CA LYS D 302 16.23 15.91 -0.47
C LYS D 302 17.37 16.89 -0.75
N LEU D 303 17.68 17.09 -2.03
CA LEU D 303 18.78 17.98 -2.40
C LEU D 303 18.47 19.42 -2.01
N LEU D 304 17.25 19.90 -2.29
CA LEU D 304 16.92 21.28 -1.93
C LEU D 304 16.81 21.43 -0.42
N SER D 305 16.32 20.40 0.27
CA SER D 305 16.30 20.46 1.74
C SER D 305 17.72 20.57 2.29
N VAL D 306 18.66 19.81 1.73
CA VAL D 306 20.04 19.88 2.17
C VAL D 306 20.64 21.26 1.88
N ILE D 307 20.36 21.82 0.69
CA ILE D 307 20.93 23.13 0.40
C ILE D 307 20.30 24.22 1.25
N VAL D 308 19.03 24.04 1.66
CA VAL D 308 18.42 25.00 2.58
C VAL D 308 19.08 24.92 3.95
N TRP D 309 19.29 23.71 4.46
CA TRP D 309 20.02 23.55 5.71
C TRP D 309 21.41 24.17 5.60
N MET D 310 22.08 23.95 4.46
CA MET D 310 23.42 24.47 4.27
C MET D 310 23.44 26.00 4.21
N LEU D 311 22.45 26.60 3.55
CA LEU D 311 22.39 28.06 3.51
C LEU D 311 22.14 28.64 4.90
N MET D 312 21.21 28.04 5.65
CA MET D 312 20.94 28.51 7.00
C MET D 312 22.17 28.38 7.89
N LEU D 313 22.89 27.26 7.79
CA LEU D 313 24.08 27.10 8.62
C LEU D 313 25.22 27.97 8.12
N LEU D 314 25.28 28.26 6.82
CA LEU D 314 26.27 29.20 6.32
C LEU D 314 26.05 30.59 6.89
N LEU D 315 24.77 30.97 7.06
CA LEU D 315 24.47 32.25 7.69
C LEU D 315 24.76 32.21 9.19
N ALA D 316 24.51 31.08 9.85
CA ALA D 316 24.54 31.02 11.30
C ALA D 316 25.91 30.69 11.90
N VAL D 317 26.80 30.01 11.15
CA VAL D 317 28.09 29.60 11.71
C VAL D 317 28.94 30.79 12.13
N PRO D 318 29.07 31.87 11.35
CA PRO D 318 29.87 33.01 11.84
C PRO D 318 29.34 33.60 13.14
N ASN D 319 28.04 33.47 13.39
CA ASN D 319 27.45 33.98 14.63
C ASN D 319 27.86 33.18 15.87
N ILE D 320 28.46 32.00 15.69
CA ILE D 320 29.02 31.28 16.81
C ILE D 320 30.55 31.28 16.79
N ILE D 321 31.17 31.25 15.61
CA ILE D 321 32.64 31.29 15.55
C ILE D 321 33.17 32.66 15.94
N LEU D 322 32.48 33.73 15.52
CA LEU D 322 32.97 35.08 15.79
C LEU D 322 32.66 35.57 17.20
N THR D 323 31.74 34.92 17.92
CA THR D 323 31.37 35.35 19.27
C THR D 323 32.10 34.46 20.28
N ASN D 324 33.39 34.75 20.48
CA ASN D 324 34.16 34.09 21.52
C ASN D 324 35.02 35.09 22.25
N GLN D 325 34.55 36.33 22.35
CA GLN D 325 35.29 37.40 22.99
C GLN D 325 35.36 37.17 24.50
N SER D 326 36.29 37.86 25.14
CA SER D 326 36.37 37.84 26.58
C SER D 326 35.12 38.48 27.17
N VAL D 327 34.95 38.30 28.48
CA VAL D 327 33.80 38.84 29.20
C VAL D 327 34.28 40.03 30.02
N ARG D 328 33.80 41.22 29.66
CA ARG D 328 34.25 42.44 30.34
C ARG D 328 33.67 42.55 31.74
N GLU D 329 32.38 42.30 31.88
CA GLU D 329 31.70 42.29 33.17
C GLU D 329 31.10 40.91 33.37
N VAL D 330 31.42 40.29 34.51
CA VAL D 330 31.07 38.89 34.72
C VAL D 330 29.55 38.72 34.80
N THR D 331 28.87 39.61 35.53
CA THR D 331 27.44 39.45 35.76
C THR D 331 26.60 40.12 34.67
N GLN D 332 27.12 41.17 34.04
CA GLN D 332 26.48 41.78 32.87
C GLN D 332 27.12 41.18 31.61
N ILE D 333 26.40 40.27 30.97
CA ILE D 333 26.88 39.59 29.76
C ILE D 333 25.85 39.82 28.67
N LYS D 334 26.04 40.88 27.88
CA LYS D 334 25.21 41.10 26.71
C LYS D 334 25.79 40.30 25.54
N CYS D 335 24.90 39.67 24.77
CA CYS D 335 25.34 38.75 23.73
C CYS D 335 26.14 39.45 22.64
N ILE D 336 25.97 40.76 22.47
CA ILE D 336 26.70 41.49 21.45
C ILE D 336 28.04 42.03 21.98
N GLU D 337 28.19 42.18 23.29
CA GLU D 337 29.49 42.54 23.84
C GLU D 337 30.52 41.44 23.69
N LEU D 338 30.08 40.19 23.51
CA LEU D 338 30.96 39.05 23.31
C LEU D 338 31.30 38.83 21.85
N LYS D 339 31.28 39.88 21.04
CA LYS D 339 31.25 39.75 19.59
C LYS D 339 32.23 40.75 18.99
N SER D 340 32.94 40.34 17.94
CA SER D 340 33.99 41.16 17.35
C SER D 340 33.40 42.14 16.31
N GLU D 341 34.26 43.03 15.82
CA GLU D 341 33.83 44.02 14.84
C GLU D 341 33.24 43.34 13.61
N LEU D 342 33.97 42.39 13.03
CA LEU D 342 33.40 41.54 11.99
C LEU D 342 32.24 40.74 12.53
N GLY D 343 32.35 40.29 13.79
CA GLY D 343 31.25 39.57 14.40
C GLY D 343 29.99 40.40 14.51
N ARG D 344 30.12 41.65 14.95
CA ARG D 344 28.94 42.51 15.09
C ARG D 344 28.37 42.89 13.73
N LYS D 345 29.25 43.19 12.76
CA LYS D 345 28.77 43.49 11.42
C LYS D 345 27.99 42.32 10.85
N TRP D 346 28.51 41.10 11.01
CA TRP D 346 27.79 39.95 10.48
C TRP D 346 26.57 39.60 11.32
N HIS D 347 26.55 39.94 12.60
CA HIS D 347 25.33 39.75 13.39
C HIS D 347 24.20 40.62 12.84
N LYS D 348 24.50 41.90 12.58
CA LYS D 348 23.49 42.77 11.99
C LYS D 348 23.09 42.29 10.60
N ALA D 349 24.07 41.88 9.80
CA ALA D 349 23.77 41.39 8.45
C ALA D 349 22.90 40.14 8.49
N SER D 350 23.21 39.20 9.38
CA SER D 350 22.45 37.96 9.47
C SER D 350 21.04 38.22 10.00
N ASN D 351 20.89 39.06 10.98
CA ASN D 351 19.55 39.39 11.38
C ASN D 351 18.78 39.98 10.20
N TYR D 352 19.27 41.05 9.57
CA TYR D 352 18.52 41.67 8.50
C TYR D 352 18.20 40.65 7.40
N ILE D 353 19.17 39.80 7.07
CA ILE D 353 18.96 38.79 6.02
C ILE D 353 17.88 37.80 6.44
N PHE D 354 17.90 37.37 7.70
CA PHE D 354 16.93 36.39 8.16
C PHE D 354 15.54 37.00 8.26
N VAL D 355 15.44 38.26 8.67
CA VAL D 355 14.14 38.93 8.68
C VAL D 355 13.60 39.07 7.26
N ALA D 356 14.45 39.45 6.31
CA ALA D 356 14.02 39.53 4.92
C ALA D 356 13.63 38.17 4.37
N ILE D 357 14.37 37.13 4.74
CA ILE D 357 14.04 35.77 4.29
C ILE D 357 12.69 35.36 4.86
N PHE D 358 12.45 35.64 6.14
CA PHE D 358 11.15 35.31 6.72
C PHE D 358 10.04 36.08 6.03
N TRP D 359 10.26 37.35 5.71
CA TRP D 359 9.19 38.11 5.08
C TRP D 359 8.93 37.65 3.66
N ILE D 360 9.97 37.24 2.94
CA ILE D 360 9.78 36.66 1.61
C ILE D 360 8.99 35.35 1.73
N VAL D 361 9.37 34.50 2.68
CA VAL D 361 8.67 33.24 2.88
C VAL D 361 7.23 33.48 3.34
N PHE D 362 7.01 34.52 4.14
CA PHE D 362 5.68 34.84 4.63
C PHE D 362 4.79 35.34 3.50
N LEU D 363 5.31 36.22 2.64
CA LEU D 363 4.53 36.66 1.50
C LEU D 363 4.23 35.51 0.56
N LEU D 364 5.22 34.65 0.29
CA LEU D 364 4.97 33.49 -0.55
C LEU D 364 3.94 32.56 0.08
N LEU D 365 4.03 32.35 1.39
CA LEU D 365 3.08 31.47 2.08
C LEU D 365 1.67 32.03 2.03
N ILE D 366 1.52 33.34 2.24
CA ILE D 366 0.20 33.96 2.14
C ILE D 366 -0.35 33.84 0.73
N VAL D 367 0.49 34.10 -0.27
CA VAL D 367 0.03 34.03 -1.66
C VAL D 367 -0.38 32.59 -2.01
N PHE D 368 0.45 31.62 -1.65
CA PHE D 368 0.16 30.23 -1.98
C PHE D 368 -1.07 29.72 -1.26
N TYR D 369 -1.26 30.09 0.01
CA TYR D 369 -2.42 29.61 0.73
C TYR D 369 -3.69 30.34 0.31
N THR D 370 -3.57 31.59 -0.12
CA THR D 370 -4.71 32.26 -0.76
C THR D 370 -5.10 31.57 -2.05
N ALA D 371 -4.11 31.19 -2.86
CA ALA D 371 -4.41 30.46 -4.10
C ALA D 371 -5.03 29.11 -3.81
N ILE D 372 -4.53 28.40 -2.81
CA ILE D 372 -5.09 27.09 -2.46
C ILE D 372 -6.52 27.25 -1.95
N THR D 373 -6.78 28.28 -1.15
CA THR D 373 -8.14 28.52 -0.67
C THR D 373 -9.06 28.88 -1.82
N LYS D 374 -8.56 29.62 -2.82
CA LYS D 374 -9.36 29.90 -4.01
C LYS D 374 -9.67 28.62 -4.78
N LYS D 375 -8.68 27.73 -4.91
CA LYS D 375 -8.92 26.46 -5.60
C LYS D 375 -9.92 25.60 -4.83
N ILE D 376 -9.86 25.61 -3.50
CA ILE D 376 -10.83 24.89 -2.70
C ILE D 376 -12.21 25.51 -2.82
N PHE D 377 -12.29 26.83 -2.95
CA PHE D 377 -13.58 27.50 -3.03
C PHE D 377 -14.37 27.03 -4.24
N LYS D 378 -13.69 26.86 -5.38
CA LYS D 378 -14.34 26.30 -6.55
C LYS D 378 -14.59 24.80 -6.34
N SER D 379 -15.47 24.25 -7.18
CA SER D 379 -15.87 22.85 -7.09
C SER D 379 -16.57 22.55 -5.77
N HIS D 380 -16.95 21.29 -5.55
CA HIS D 380 -17.59 20.85 -4.31
C HIS D 380 -18.92 21.57 -4.08
N LEU D 381 -19.67 21.79 -5.14
CA LEU D 381 -20.97 22.46 -5.04
C LEU D 381 -22.04 21.37 -5.09
N LYS D 382 -22.28 20.76 -3.93
CA LYS D 382 -23.31 19.73 -3.81
C LYS D 382 -24.17 19.84 -2.56
N SER D 383 -23.79 20.63 -1.57
CA SER D 383 -24.55 20.80 -0.32
C SER D 383 -24.79 19.45 0.35
N SER D 384 -23.77 18.59 0.28
CA SER D 384 -23.81 17.27 0.89
C SER D 384 -22.84 17.23 2.05
N ARG D 385 -22.93 16.16 2.84
CA ARG D 385 -22.07 16.05 4.01
C ARG D 385 -20.60 15.99 3.62
N ASN D 386 -20.28 15.23 2.57
CA ASN D 386 -18.88 15.04 2.20
C ASN D 386 -18.26 16.33 1.68
N SER D 387 -18.95 17.04 0.78
CA SER D 387 -18.40 18.24 0.18
C SER D 387 -18.26 19.37 1.21
N THR D 388 -19.30 19.57 2.02
CA THR D 388 -19.25 20.57 3.06
C THR D 388 -18.16 20.23 4.06
N SER D 389 -18.04 18.95 4.40
CA SER D 389 -17.01 18.53 5.36
C SER D 389 -15.61 18.78 4.82
N VAL D 390 -15.35 18.43 3.55
CA VAL D 390 -14.01 18.61 3.01
C VAL D 390 -13.68 20.08 2.88
N LYS D 391 -14.64 20.90 2.42
CA LYS D 391 -14.39 22.34 2.35
C LYS D 391 -14.10 22.91 3.74
N LYS D 392 -14.93 22.58 4.72
CA LYS D 392 -14.77 23.14 6.06
C LYS D 392 -13.46 22.70 6.69
N LYS D 393 -13.12 21.41 6.58
CA LYS D 393 -11.89 20.92 7.18
C LYS D 393 -10.65 21.50 6.50
N SER D 394 -10.65 21.57 5.17
CA SER D 394 -9.50 22.14 4.47
C SER D 394 -9.33 23.62 4.79
N SER D 395 -10.44 24.38 4.81
CA SER D 395 -10.36 25.79 5.15
C SER D 395 -9.91 25.99 6.59
N ARG D 396 -10.40 25.15 7.51
CA ARG D 396 -9.97 25.25 8.90
C ARG D 396 -8.49 24.95 9.04
N ASN D 397 -8.01 23.93 8.33
CA ASN D 397 -6.58 23.61 8.40
C ASN D 397 -5.73 24.73 7.83
N ILE D 398 -6.14 25.31 6.70
CA ILE D 398 -5.38 26.39 6.10
C ILE D 398 -5.39 27.61 7.01
N PHE D 399 -6.55 27.94 7.58
CA PHE D 399 -6.65 29.09 8.48
C PHE D 399 -5.83 28.86 9.73
N SER D 400 -5.83 27.63 10.25
CA SER D 400 -4.99 27.32 11.40
C SER D 400 -3.52 27.48 11.08
N ILE D 401 -3.10 27.00 9.91
CA ILE D 401 -1.70 27.13 9.52
C ILE D 401 -1.31 28.59 9.42
N VAL D 402 -2.10 29.38 8.69
CA VAL D 402 -1.77 30.79 8.49
C VAL D 402 -1.83 31.55 9.80
N PHE D 403 -2.84 31.27 10.64
CA PHE D 403 -2.97 31.97 11.91
C PHE D 403 -1.84 31.63 12.86
N VAL D 404 -1.44 30.36 12.94
CA VAL D 404 -0.33 29.98 13.79
C VAL D 404 0.96 30.62 13.29
N PHE D 405 1.19 30.58 11.98
CA PHE D 405 2.35 31.25 11.40
C PHE D 405 2.38 32.71 11.77
N PHE D 406 1.26 33.41 11.56
CA PHE D 406 1.16 34.83 11.89
C PHE D 406 1.45 35.07 13.36
N VAL D 407 0.64 34.48 14.24
CA VAL D 407 0.73 34.77 15.67
C VAL D 407 2.11 34.44 16.20
N CYS D 408 2.72 33.35 15.71
CA CYS D 408 4.02 32.97 16.23
C CYS D 408 5.13 33.88 15.72
N PHE D 409 5.13 34.22 14.43
CA PHE D 409 6.31 34.80 13.81
C PHE D 409 6.19 36.28 13.46
N VAL D 410 5.02 36.74 13.01
CA VAL D 410 4.88 38.15 12.62
C VAL D 410 5.18 39.11 13.76
N PRO D 411 4.71 38.89 15.00
CA PRO D 411 5.12 39.79 16.09
C PRO D 411 6.63 39.83 16.31
N TYR D 412 7.33 38.71 16.09
CA TYR D 412 8.77 38.70 16.29
C TYR D 412 9.49 39.48 15.20
N HIS D 413 9.12 39.27 13.95
CA HIS D 413 9.87 39.85 12.84
C HIS D 413 9.41 41.25 12.48
N ILE D 414 8.28 41.71 13.01
CA ILE D 414 7.95 43.12 12.94
C ILE D 414 8.64 43.91 14.05
N ALA D 415 9.20 43.23 15.04
CA ALA D 415 9.97 43.85 16.11
C ALA D 415 11.41 43.38 16.17
N ARG D 416 11.84 42.49 15.27
CA ARG D 416 13.22 42.04 15.29
C ARG D 416 14.15 43.09 14.72
N ILE D 417 13.72 43.79 13.68
CA ILE D 417 14.56 44.83 13.07
C ILE D 417 14.79 45.98 14.07
N PRO D 418 13.76 46.51 14.74
CA PRO D 418 14.05 47.53 15.76
C PRO D 418 14.93 47.03 16.90
N TYR D 419 14.77 45.77 17.30
CA TYR D 419 15.59 45.27 18.39
C TYR D 419 17.05 45.08 17.97
N THR D 420 17.26 44.64 16.73
CA THR D 420 18.62 44.52 16.20
C THR D 420 19.25 45.90 16.04
N LYS D 421 18.45 46.88 15.64
CA LYS D 421 18.93 48.26 15.63
C LYS D 421 19.32 48.70 17.04
N SER D 422 18.52 48.31 18.03
CA SER D 422 18.83 48.66 19.42
C SER D 422 20.12 48.00 19.89
N GLN D 423 20.36 46.75 19.48
CA GLN D 423 21.60 46.07 19.83
C GLN D 423 22.80 46.80 19.24
N THR D 424 22.87 46.84 17.91
CA THR D 424 23.94 47.54 17.20
C THR D 424 23.49 48.99 17.00
N GLU D 425 23.62 49.77 18.06
CA GLU D 425 23.06 51.12 18.09
C GLU D 425 24.11 52.14 18.48
N ALA D 426 24.17 53.22 17.72
CA ALA D 426 24.74 54.45 18.24
C ALA D 426 23.81 55.00 19.30
N HIS D 427 24.39 55.65 20.31
CA HIS D 427 23.62 56.01 21.50
C HIS D 427 22.43 56.89 21.13
N TYR D 428 21.22 56.33 21.27
CA TYR D 428 20.00 57.06 20.97
C TYR D 428 18.87 56.77 21.95
N SER D 429 19.07 55.88 22.92
CA SER D 429 17.98 55.41 23.76
C SER D 429 18.49 55.11 25.16
N CYS D 430 17.58 55.17 26.13
CA CYS D 430 17.87 54.80 27.50
C CYS D 430 17.02 53.65 28.01
N GLN D 431 15.69 53.77 27.91
CA GLN D 431 14.78 52.76 28.44
C GLN D 431 14.04 51.97 27.39
N SER D 432 13.89 52.50 26.18
CA SER D 432 13.31 51.71 25.10
C SER D 432 14.15 50.49 24.78
N LYS D 433 15.44 50.53 25.12
CA LYS D 433 16.31 49.38 24.97
C LYS D 433 15.90 48.22 25.89
N GLU D 434 15.08 48.50 26.90
CA GLU D 434 14.54 47.49 27.81
C GLU D 434 13.17 46.99 27.40
N ILE D 435 12.25 47.89 27.07
CA ILE D 435 10.95 47.47 26.58
C ILE D 435 11.11 46.70 25.28
N LEU D 436 12.09 47.08 24.46
CA LEU D 436 12.38 46.32 23.26
C LEU D 436 12.90 44.93 23.59
N ARG D 437 13.62 44.75 24.68
CA ARG D 437 14.16 43.44 24.94
C ARG D 437 13.10 42.58 25.51
N TYR D 438 12.19 43.13 26.31
CA TYR D 438 11.04 42.36 26.77
C TYR D 438 10.14 41.98 25.61
N MET D 439 9.90 42.91 24.68
CA MET D 439 9.11 42.61 23.50
C MET D 439 9.75 41.51 22.67
N LYS D 440 11.07 41.58 22.48
CA LYS D 440 11.76 40.55 21.70
C LYS D 440 11.70 39.20 22.40
N GLU D 441 11.90 39.18 23.72
CA GLU D 441 11.86 37.91 24.43
C GLU D 441 10.48 37.28 24.38
N PHE D 442 9.42 38.08 24.54
CA PHE D 442 8.07 37.53 24.49
C PHE D 442 7.71 37.08 23.08
N THR D 443 8.12 37.85 22.06
CA THR D 443 7.82 37.43 20.70
C THR D 443 8.63 36.20 20.30
N LEU D 444 9.86 36.06 20.83
CA LEU D 444 10.62 34.83 20.61
C LEU D 444 10.00 33.66 21.33
N LEU D 445 9.40 33.88 22.50
CA LEU D 445 8.64 32.83 23.17
C LEU D 445 7.42 32.44 22.33
N LEU D 446 6.76 33.42 21.72
CA LEU D 446 5.66 33.12 20.80
C LEU D 446 6.16 32.25 19.65
N SER D 447 7.28 32.63 19.05
CA SER D 447 7.84 31.84 17.95
C SER D 447 8.27 30.46 18.40
N ALA D 448 8.74 30.32 19.65
CA ALA D 448 9.14 29.03 20.17
C ALA D 448 7.94 28.16 20.50
N ALA D 449 6.79 28.76 20.79
CA ALA D 449 5.58 27.98 21.04
C ALA D 449 5.16 27.16 19.83
N ASN D 450 5.69 27.49 18.65
CA ASN D 450 5.39 26.70 17.46
C ASN D 450 5.98 25.29 17.54
N VAL D 451 6.94 25.05 18.43
CA VAL D 451 7.42 23.68 18.60
C VAL D 451 6.32 22.83 19.22
N CYS D 452 5.44 23.46 20.00
CA CYS D 452 4.28 22.79 20.58
C CYS D 452 3.08 22.79 19.64
N LEU D 453 2.90 23.88 18.88
CA LEU D 453 1.77 24.00 17.98
C LEU D 453 2.01 23.35 16.63
N ASP D 454 3.19 22.78 16.40
CA ASP D 454 3.51 22.21 15.10
C ASP D 454 2.90 20.82 14.89
N PRO D 455 3.02 19.89 15.85
CA PRO D 455 2.40 18.57 15.63
C PRO D 455 0.90 18.63 15.45
N ILE D 456 0.20 19.54 16.13
CA ILE D 456 -1.25 19.56 16.09
C ILE D 456 -1.80 20.15 14.79
N ILE D 457 -0.96 20.82 14.01
CA ILE D 457 -1.42 21.41 12.75
C ILE D 457 -0.68 20.86 11.53
N TYR D 458 0.47 20.21 11.69
CA TYR D 458 1.22 19.71 10.55
C TYR D 458 1.37 18.20 10.56
N PHE D 459 1.88 17.62 11.65
CA PHE D 459 2.12 16.18 11.67
C PHE D 459 0.82 15.40 11.80
N PHE D 460 -0.11 15.90 12.62
CA PHE D 460 -1.35 15.16 12.86
C PHE D 460 -2.13 14.95 11.58
N LEU D 461 -2.18 15.96 10.72
CA LEU D 461 -2.90 15.84 9.45
C LEU D 461 -2.16 14.99 8.44
N CYS D 462 -0.90 14.63 8.68
CA CYS D 462 -0.17 13.77 7.77
C CYS D 462 -0.70 12.34 7.88
N GLN D 463 -1.25 11.83 6.78
CA GLN D 463 -1.89 10.51 6.82
C GLN D 463 -0.93 9.39 7.16
N PRO D 464 0.23 9.23 6.51
CA PRO D 464 1.12 8.13 6.91
C PRO D 464 1.62 8.25 8.35
N PHE D 465 1.92 9.47 8.81
CA PHE D 465 2.37 9.63 10.19
C PHE D 465 1.29 9.21 11.17
N ARG D 466 0.06 9.66 10.93
CA ARG D 466 -1.05 9.31 11.82
C ARG D 466 -1.30 7.80 11.78
N GLU D 467 -1.20 7.19 10.59
CA GLU D 467 -1.41 5.75 10.48
C GLU D 467 -0.35 4.97 11.24
N ILE D 468 0.91 5.38 11.12
CA ILE D 468 1.99 4.68 11.82
C ILE D 468 1.84 4.86 13.33
N LEU D 469 1.48 6.07 13.77
CA LEU D 469 1.26 6.30 15.19
C LEU D 469 0.10 5.46 15.71
N CYS D 470 -0.99 5.38 14.95
CA CYS D 470 -2.13 4.58 15.38
C CYS D 470 -1.81 3.09 15.36
N LYS D 471 -0.85 2.69 14.53
CA LYS D 471 -0.41 1.30 14.53
C LYS D 471 0.50 1.00 15.72
N LYS D 472 1.32 1.96 16.13
CA LYS D 472 2.26 1.75 17.23
C LYS D 472 1.71 2.27 18.56
N LEU D 473 1.36 3.55 18.64
CA LEU D 473 0.77 4.08 19.86
C LEU D 473 -0.60 3.49 20.14
N HIS D 474 -1.24 2.88 19.14
CA HIS D 474 -2.57 2.30 19.27
C HIS D 474 -3.59 3.35 19.70
PA NAI E . 20.08 38.74 22.83
O1A NAI E . 18.65 38.95 22.44
O2A NAI E . 20.85 39.84 23.52
O5B NAI E . 20.18 37.41 23.74
C5B NAI E . 21.09 36.37 23.40
C4B NAI E . 20.56 35.01 23.85
O4B NAI E . 20.83 34.83 25.24
C3B NAI E . 19.05 34.92 23.65
O3B NAI E . 18.71 33.73 22.93
C2B NAI E . 18.46 34.89 25.03
O2B NAI E . 17.57 33.78 25.15
C1B NAI E . 19.63 34.71 25.99
N9A NAI E . 19.67 35.78 27.01
C8A NAI E . 20.78 36.43 27.39
N7A NAI E . 20.52 37.35 28.34
C5A NAI E . 19.21 37.31 28.60
C6A NAI E . 18.28 38.02 29.50
N6A NAI E . 18.72 38.99 30.33
N1A NAI E . 16.96 37.66 29.47
C2A NAI E . 16.52 36.70 28.65
N3A NAI E . 17.31 36.01 27.80
C4A NAI E . 18.64 36.26 27.74
O3 NAI E . 20.90 38.33 21.52
PN NAI E . 20.17 37.62 20.27
O1N NAI E . 19.76 38.68 19.28
O2N NAI E . 19.16 36.63 20.79
O5D NAI E . 21.42 36.83 19.67
C5D NAI E . 21.60 35.43 19.90
C4D NAI E . 22.84 34.99 19.14
O4D NAI E . 22.44 34.16 18.06
C3D NAI E . 23.54 36.21 18.56
O3D NAI E . 24.92 36.17 18.88
C2D NAI E . 23.36 36.08 17.06
O2D NAI E . 24.58 36.45 16.41
C1D NAI E . 23.06 34.62 16.86
N1N NAI E . 22.20 34.38 15.70
C2N NAI E . 21.17 35.19 15.46
C3N NAI E . 20.34 34.96 14.37
C7N NAI E . 19.19 35.87 14.11
O7N NAI E . 19.00 36.79 14.89
N7N NAI E . 18.42 35.63 13.06
C4N NAI E . 20.57 33.82 13.41
C5N NAI E . 21.73 33.03 13.80
C6N NAI E . 22.48 33.35 14.92
#